data_1HSO
#
_entry.id   1HSO
#
_cell.length_a   55.7
_cell.length_b   100.2
_cell.length_c   69.1
_cell.angle_alpha   90
_cell.angle_beta   104.9
_cell.angle_gamma   90
#
_symmetry.space_group_name_H-M   'P 1 21 1'
#
loop_
_entity.id
_entity.type
_entity.pdbx_description
1 polymer 'CLASS I ALCOHOL DEHYDROGENASE 1, ALPHA SUBUNIT'
2 non-polymer 'ZINC ION'
3 non-polymer NICOTINAMIDE-ADENINE-DINUCLEOTIDE
4 non-polymer 4-IODOPYRAZOLE
5 water water
#
_entity_poly.entity_id   1
_entity_poly.type   'polypeptide(L)'
_entity_poly.pdbx_seq_one_letter_code
;STAGKVIKCKAAVLWELKKPFSIEEVEVAPPKAHEVRIKMVAVGICGTDDHVVSGTMVTPLPVILGHEAAGIVESVGEGV
TTVKPGDKVIPLAIPQCGKCRICKNPESNYCLKNDVSNPQGTLQDGTSRFTCRRKPIHHFLGISTFSQYTVVDENAVAKI
DAASPLEKVCLIGCGFSTGYGSAVNVAKVTPGSTCAVFGLGGVGLSAIMGCKAAGAARIIAVDINKDKFAKAKELGATEC
INPQDYKKPIQEVLKEMTDGGVDFSFEVIGRLDTMMASLLCCHEACGTSVIVGVPPDSQNLSMNPMLLLTGRTWKGAILG
GFKSKECVPKLVADFMAKKFSLDALITHVLPFEKINEGFDLLHSGKSIRTILMF
;
_entity_poly.pdbx_strand_id   A,B
#
loop_
_chem_comp.id
_chem_comp.type
_chem_comp.name
_chem_comp.formula
NAD non-polymer NICOTINAMIDE-ADENINE-DINUCLEOTIDE 'C21 H27 N7 O14 P2'
PYZ non-polymer 4-IODOPYRAZOLE 'C3 H3 I N2'
ZN non-polymer 'ZINC ION' 'Zn 2'
#
# COMPACT_ATOMS: atom_id res chain seq x y z
N SER A 1 39.43 -18.93 28.78
CA SER A 1 40.27 -17.95 29.51
C SER A 1 39.63 -16.58 29.45
N THR A 2 38.74 -16.38 28.48
CA THR A 2 38.04 -15.12 28.30
C THR A 2 36.63 -15.23 28.86
N ALA A 3 36.13 -16.46 28.98
CA ALA A 3 34.80 -16.69 29.48
C ALA A 3 34.56 -16.07 30.85
N GLY A 4 33.43 -15.39 30.97
CA GLY A 4 33.05 -14.74 32.23
C GLY A 4 33.90 -13.56 32.63
N LYS A 5 34.79 -13.14 31.73
CA LYS A 5 35.67 -12.02 32.01
C LYS A 5 35.47 -10.97 30.94
N VAL A 6 35.81 -9.73 31.27
CA VAL A 6 35.69 -8.62 30.35
C VAL A 6 36.78 -8.77 29.31
N ILE A 7 36.44 -8.53 28.05
CA ILE A 7 37.41 -8.62 26.97
C ILE A 7 37.75 -7.20 26.49
N LYS A 8 39.03 -6.95 26.23
CA LYS A 8 39.47 -5.65 25.75
C LYS A 8 39.91 -5.83 24.30
N CYS A 9 39.24 -5.13 23.39
CA CYS A 9 39.55 -5.24 21.97
C CYS A 9 39.35 -3.88 21.31
N LYS A 10 39.34 -3.86 19.98
CA LYS A 10 39.15 -2.63 19.23
C LYS A 10 37.79 -2.60 18.57
N ALA A 11 37.24 -1.39 18.44
CA ALA A 11 35.94 -1.19 17.84
C ALA A 11 35.93 0.16 17.15
N ALA A 12 35.06 0.33 16.17
CA ALA A 12 34.97 1.60 15.47
C ALA A 12 33.87 2.41 16.15
N VAL A 13 34.28 3.37 16.96
CA VAL A 13 33.34 4.22 17.69
C VAL A 13 33.00 5.52 16.95
N LEU A 14 31.73 5.90 17.00
CA LEU A 14 31.30 7.14 16.38
C LEU A 14 30.93 8.02 17.55
N TRP A 15 31.77 9.00 17.86
CA TRP A 15 31.52 9.89 18.98
C TRP A 15 30.60 11.04 18.60
N GLU A 16 30.72 11.50 17.36
CA GLU A 16 29.90 12.62 16.89
C GLU A 16 29.35 12.37 15.49
N LEU A 17 28.34 13.15 15.12
CA LEU A 17 27.73 13.04 13.81
C LEU A 17 28.67 13.60 12.73
N LYS A 18 28.51 13.09 11.52
CA LYS A 18 29.28 13.52 10.35
C LYS A 18 30.78 13.42 10.54
N LYS A 19 31.21 12.48 11.38
CA LYS A 19 32.62 12.32 11.63
C LYS A 19 33.13 10.91 11.39
N PRO A 20 34.45 10.77 11.18
CA PRO A 20 35.04 9.46 10.93
C PRO A 20 34.91 8.53 12.13
N PHE A 21 34.98 7.24 11.88
CA PHE A 21 34.93 6.28 12.95
C PHE A 21 36.28 6.39 13.66
N SER A 22 36.29 6.18 14.96
CA SER A 22 37.50 6.29 15.73
C SER A 22 37.81 4.92 16.31
N ILE A 23 38.81 4.25 15.75
CA ILE A 23 39.21 2.93 16.22
C ILE A 23 39.90 3.09 17.57
N GLU A 24 39.21 2.65 18.62
CA GLU A 24 39.72 2.76 19.98
C GLU A 24 39.57 1.44 20.71
N GLU A 25 40.23 1.33 21.86
CA GLU A 25 40.13 0.13 22.65
C GLU A 25 38.86 0.19 23.51
N VAL A 26 38.07 -0.86 23.44
CA VAL A 26 36.84 -0.94 24.19
C VAL A 26 36.82 -2.18 25.06
N GLU A 27 35.93 -2.16 26.04
CA GLU A 27 35.74 -3.27 26.96
C GLU A 27 34.38 -3.85 26.70
N VAL A 28 34.36 -5.15 26.42
CA VAL A 28 33.12 -5.86 26.16
C VAL A 28 32.88 -6.71 27.40
N ALA A 29 31.82 -6.41 28.12
CA ALA A 29 31.47 -7.17 29.32
C ALA A 29 31.06 -8.58 28.92
N PRO A 30 31.24 -9.56 29.83
CA PRO A 30 30.85 -10.92 29.48
C PRO A 30 29.34 -10.99 29.26
N PRO A 31 28.86 -12.03 28.54
CA PRO A 31 27.42 -12.14 28.29
C PRO A 31 26.60 -12.49 29.53
N LYS A 32 25.45 -11.86 29.67
CA LYS A 32 24.55 -12.11 30.79
C LYS A 32 23.59 -13.22 30.42
N ALA A 33 22.56 -13.41 31.25
CA ALA A 33 21.58 -14.44 31.02
C ALA A 33 20.93 -14.25 29.66
N HIS A 34 20.94 -15.32 28.86
CA HIS A 34 20.35 -15.31 27.52
C HIS A 34 21.02 -14.34 26.56
N GLU A 35 22.33 -14.21 26.67
CA GLU A 35 23.13 -13.34 25.81
C GLU A 35 24.30 -14.13 25.24
N VAL A 36 24.80 -13.70 24.09
CA VAL A 36 25.89 -14.38 23.40
C VAL A 36 26.98 -13.40 22.98
N ARG A 37 28.22 -13.73 23.32
CA ARG A 37 29.35 -12.88 22.94
C ARG A 37 30.00 -13.49 21.70
N ILE A 38 30.09 -12.70 20.64
CA ILE A 38 30.63 -13.17 19.38
C ILE A 38 31.93 -12.47 18.97
N LYS A 39 32.84 -13.26 18.41
CA LYS A 39 34.10 -12.74 17.91
C LYS A 39 33.79 -12.52 16.42
N MET A 40 33.82 -11.27 15.98
CA MET A 40 33.51 -10.98 14.59
C MET A 40 34.58 -11.45 13.63
N VAL A 41 34.17 -11.78 12.39
CA VAL A 41 35.09 -12.25 11.36
C VAL A 41 35.00 -11.36 10.12
N ALA A 42 33.77 -11.01 9.72
CA ALA A 42 33.56 -10.15 8.55
C ALA A 42 32.25 -9.36 8.71
N VAL A 43 32.26 -8.12 8.23
CA VAL A 43 31.08 -7.26 8.32
C VAL A 43 31.04 -6.41 7.06
N GLY A 44 29.85 -6.24 6.50
CA GLY A 44 29.67 -5.45 5.29
C GLY A 44 29.16 -4.06 5.64
N ILE A 45 29.42 -3.10 4.76
CA ILE A 45 28.97 -1.72 4.98
C ILE A 45 27.67 -1.50 4.23
N CYS A 46 26.61 -1.29 5.00
CA CYS A 46 25.28 -1.09 4.45
C CYS A 46 24.91 0.40 4.54
N GLY A 47 24.10 0.87 3.60
CA GLY A 47 23.70 2.27 3.61
C GLY A 47 23.06 2.75 4.91
N THR A 48 22.48 1.82 5.66
CA THR A 48 21.85 2.14 6.94
C THR A 48 22.93 2.67 7.89
N ASP A 49 24.09 2.02 7.89
CA ASP A 49 25.22 2.44 8.74
C ASP A 49 25.65 3.87 8.36
N ASP A 50 25.64 4.17 7.07
CA ASP A 50 26.03 5.49 6.59
C ASP A 50 25.02 6.52 7.03
N HIS A 51 23.76 6.12 7.03
CA HIS A 51 22.66 7.00 7.43
C HIS A 51 22.84 7.54 8.84
N VAL A 52 23.23 6.67 9.76
CA VAL A 52 23.45 7.06 11.16
C VAL A 52 24.56 8.10 11.26
N VAL A 53 25.65 7.86 10.52
CA VAL A 53 26.78 8.76 10.53
C VAL A 53 26.37 10.18 10.10
N SER A 54 25.60 10.28 9.02
CA SER A 54 25.15 11.58 8.52
C SER A 54 24.02 12.19 9.34
N GLY A 55 23.53 11.46 10.34
CA GLY A 55 22.43 11.95 11.14
C GLY A 55 21.08 11.76 10.49
N THR A 56 21.04 11.08 9.35
CA THR A 56 19.79 10.86 8.64
C THR A 56 18.91 9.85 9.44
N MET A 57 19.56 8.85 10.03
CA MET A 57 18.86 7.86 10.87
C MET A 57 19.27 8.16 12.31
N VAL A 58 18.30 8.56 13.12
CA VAL A 58 18.56 8.90 14.52
C VAL A 58 18.70 7.67 15.40
N THR A 59 19.74 7.70 16.23
CA THR A 59 20.05 6.64 17.19
C THR A 59 21.03 7.29 18.18
N PRO A 60 20.98 6.90 19.45
CA PRO A 60 21.83 7.42 20.51
C PRO A 60 23.33 7.33 20.26
N LEU A 61 24.03 8.43 20.55
CA LEU A 61 25.48 8.47 20.41
C LEU A 61 26.05 8.69 21.82
N PRO A 62 27.32 8.30 22.04
CA PRO A 62 28.27 7.68 21.12
C PRO A 62 27.80 6.27 20.86
N VAL A 63 28.16 5.71 19.70
CA VAL A 63 27.67 4.38 19.36
C VAL A 63 28.62 3.54 18.51
N ILE A 64 28.47 2.22 18.62
CA ILE A 64 29.26 1.27 17.84
C ILE A 64 28.26 0.70 16.84
N LEU A 65 28.44 1.05 15.57
CA LEU A 65 27.54 0.61 14.50
C LEU A 65 27.88 -0.77 13.95
N GLY A 66 27.37 -1.08 12.75
CA GLY A 66 27.62 -2.38 12.15
C GLY A 66 26.45 -3.31 12.43
N HIS A 67 25.91 -3.94 11.40
CA HIS A 67 24.77 -4.85 11.57
C HIS A 67 24.67 -5.97 10.53
N GLU A 68 25.52 -5.92 9.51
CA GLU A 68 25.54 -6.91 8.43
C GLU A 68 26.82 -7.71 8.62
N ALA A 69 26.84 -8.64 9.58
CA ALA A 69 28.06 -9.40 9.86
C ALA A 69 27.96 -10.91 10.10
N ALA A 70 29.12 -11.51 10.36
CA ALA A 70 29.26 -12.94 10.63
C ALA A 70 30.50 -13.16 11.48
N GLY A 71 30.41 -14.11 12.43
CA GLY A 71 31.53 -14.41 13.30
C GLY A 71 31.41 -15.78 13.96
N ILE A 72 32.14 -15.99 15.05
CA ILE A 72 32.13 -17.25 15.78
C ILE A 72 31.74 -16.91 17.23
N VAL A 73 30.91 -17.75 17.84
CA VAL A 73 30.50 -17.53 19.24
C VAL A 73 31.69 -17.84 20.13
N GLU A 74 32.00 -16.91 21.02
CA GLU A 74 33.10 -17.13 21.95
C GLU A 74 32.57 -17.74 23.24
N SER A 75 31.46 -17.21 23.75
CA SER A 75 30.85 -17.70 24.98
C SER A 75 29.38 -17.35 25.07
N VAL A 76 28.64 -18.12 25.86
CA VAL A 76 27.22 -17.92 26.04
C VAL A 76 26.88 -17.69 27.50
N GLY A 77 25.91 -16.81 27.75
CA GLY A 77 25.49 -16.52 29.10
C GLY A 77 24.57 -17.61 29.61
N GLU A 78 24.22 -17.55 30.88
CA GLU A 78 23.34 -18.55 31.48
C GLU A 78 22.01 -18.70 30.72
N GLY A 79 21.62 -19.95 30.52
CA GLY A 79 20.37 -20.25 29.86
C GLY A 79 20.31 -20.26 28.35
N VAL A 80 21.45 -20.09 27.68
CA VAL A 80 21.46 -20.11 26.21
C VAL A 80 21.43 -21.55 25.75
N THR A 81 20.62 -21.83 24.73
CA THR A 81 20.46 -23.18 24.20
C THR A 81 20.61 -23.30 22.68
N THR A 82 20.34 -22.21 21.96
CA THR A 82 20.38 -22.21 20.51
C THR A 82 21.74 -22.20 19.81
N VAL A 83 22.78 -21.78 20.52
CA VAL A 83 24.14 -21.75 19.98
C VAL A 83 25.10 -22.02 21.13
N LYS A 84 26.37 -22.21 20.81
CA LYS A 84 27.37 -22.47 21.81
C LYS A 84 28.76 -22.11 21.29
N PRO A 85 29.77 -22.03 22.19
CA PRO A 85 31.14 -21.69 21.81
C PRO A 85 31.68 -22.46 20.61
N GLY A 86 32.17 -21.71 19.63
CA GLY A 86 32.74 -22.32 18.44
C GLY A 86 31.84 -22.33 17.22
N ASP A 87 30.57 -22.01 17.41
CA ASP A 87 29.59 -22.00 16.34
C ASP A 87 29.68 -20.78 15.45
N LYS A 88 29.51 -20.98 14.14
CA LYS A 88 29.48 -19.88 13.18
C LYS A 88 28.08 -19.32 13.29
N VAL A 89 27.96 -18.00 13.39
CA VAL A 89 26.67 -17.37 13.53
C VAL A 89 26.62 -16.02 12.84
N ILE A 90 25.40 -15.54 12.64
CA ILE A 90 25.14 -14.25 12.02
C ILE A 90 24.20 -13.51 12.96
N PRO A 91 24.64 -12.35 13.50
CA PRO A 91 23.78 -11.58 14.40
C PRO A 91 22.62 -11.05 13.55
N LEU A 92 21.47 -10.80 14.17
CA LEU A 92 20.28 -10.34 13.45
C LEU A 92 19.82 -8.94 13.82
N ALA A 93 19.78 -8.06 12.83
CA ALA A 93 19.38 -6.66 13.02
C ALA A 93 17.95 -6.48 13.49
N ILE A 94 17.15 -7.54 13.33
CA ILE A 94 15.76 -7.60 13.76
C ILE A 94 15.77 -8.96 14.44
N PRO A 95 15.44 -9.03 15.73
CA PRO A 95 15.44 -10.31 16.43
C PRO A 95 14.17 -11.11 16.19
N GLN A 96 14.09 -12.29 16.78
CA GLN A 96 12.90 -13.11 16.67
C GLN A 96 12.71 -13.72 18.05
N CYS A 97 12.14 -12.95 18.97
CA CYS A 97 11.92 -13.44 20.32
C CYS A 97 11.09 -14.72 20.36
N GLY A 98 10.20 -14.87 19.38
CA GLY A 98 9.36 -16.04 19.30
C GLY A 98 8.23 -16.06 20.31
N LYS A 99 8.02 -14.94 20.99
CA LYS A 99 6.98 -14.84 22.01
C LYS A 99 6.10 -13.61 21.90
N CYS A 100 6.18 -12.89 20.80
CA CYS A 100 5.36 -11.69 20.65
C CYS A 100 4.29 -11.94 19.60
N ARG A 101 3.30 -11.06 19.52
CA ARG A 101 2.23 -11.20 18.54
C ARG A 101 2.75 -11.43 17.12
N ILE A 102 3.78 -10.67 16.76
CA ILE A 102 4.38 -10.75 15.43
C ILE A 102 5.23 -11.97 15.20
N CYS A 103 5.98 -12.42 16.20
CA CYS A 103 6.79 -13.60 16.01
C CYS A 103 5.89 -14.81 15.81
N LYS A 104 4.69 -14.76 16.39
CA LYS A 104 3.71 -15.84 16.29
C LYS A 104 2.89 -15.78 15.00
N ASN A 105 2.93 -14.64 14.32
CA ASN A 105 2.22 -14.46 13.05
C ASN A 105 3.22 -14.90 11.99
N PRO A 106 2.99 -16.08 11.39
CA PRO A 106 3.89 -16.63 10.35
C PRO A 106 4.12 -15.76 9.11
N GLU A 107 3.36 -14.68 8.97
CA GLU A 107 3.49 -13.82 7.81
C GLU A 107 4.09 -12.46 8.09
N SER A 108 4.66 -12.27 9.28
CA SER A 108 5.27 -10.99 9.65
C SER A 108 6.61 -11.25 10.33
N ASN A 109 7.54 -10.30 10.26
CA ASN A 109 8.86 -10.50 10.86
C ASN A 109 9.38 -9.39 11.79
N TYR A 110 8.70 -8.26 11.81
CA TYR A 110 9.11 -7.13 12.64
C TYR A 110 8.82 -7.38 14.13
N CYS A 111 9.63 -8.24 14.74
CA CYS A 111 9.48 -8.59 16.14
C CYS A 111 9.50 -7.34 17.02
N LEU A 112 8.81 -7.38 18.16
CA LEU A 112 8.73 -6.24 19.05
C LEU A 112 10.02 -5.91 19.78
N LYS A 113 10.91 -6.89 19.92
CA LYS A 113 12.19 -6.65 20.61
C LYS A 113 13.16 -5.86 19.74
N ASN A 114 12.71 -5.47 18.55
CA ASN A 114 13.51 -4.69 17.60
C ASN A 114 13.86 -3.34 18.24
N ASP A 115 15.00 -2.78 17.87
CA ASP A 115 15.42 -1.49 18.38
C ASP A 115 15.38 -0.44 17.27
N VAL A 116 14.44 -0.61 16.33
CA VAL A 116 14.29 0.31 15.23
C VAL A 116 13.18 1.32 15.52
N SER A 117 12.03 0.82 15.98
CA SER A 117 10.89 1.67 16.29
C SER A 117 11.21 2.81 17.25
N ASN A 118 11.84 2.46 18.36
CA ASN A 118 12.19 3.43 19.39
C ASN A 118 13.61 3.08 19.80
N PRO A 119 14.62 3.48 18.99
CA PRO A 119 16.04 3.21 19.24
C PRO A 119 16.54 3.64 20.60
N GLN A 120 16.96 2.64 21.39
CA GLN A 120 17.47 2.84 22.73
C GLN A 120 19.00 2.80 22.81
N GLY A 121 19.62 2.06 21.89
CA GLY A 121 21.07 1.96 21.90
C GLY A 121 21.54 1.07 23.02
N THR A 122 20.73 0.05 23.32
CA THR A 122 21.01 -0.88 24.38
C THR A 122 20.61 -2.30 23.94
N LEU A 123 20.96 -3.27 24.77
CA LEU A 123 20.56 -4.65 24.53
C LEU A 123 19.13 -4.71 25.07
N GLN A 124 18.44 -5.83 24.90
CA GLN A 124 17.07 -5.96 25.35
C GLN A 124 16.74 -5.69 26.82
N ASP A 125 17.71 -5.86 27.72
CA ASP A 125 17.49 -5.59 29.14
C ASP A 125 17.67 -4.11 29.50
N GLY A 126 17.85 -3.30 28.46
CA GLY A 126 18.01 -1.87 28.64
C GLY A 126 19.37 -1.37 29.08
N THR A 127 20.39 -2.23 29.04
CA THR A 127 21.74 -1.82 29.44
C THR A 127 22.76 -2.06 28.32
N SER A 128 24.00 -1.66 28.55
CA SER A 128 25.06 -1.82 27.57
C SER A 128 26.25 -2.61 28.09
N ARG A 129 26.98 -3.22 27.16
CA ARG A 129 28.16 -4.04 27.48
C ARG A 129 29.45 -3.38 27.00
N PHE A 130 29.36 -2.18 26.45
CA PHE A 130 30.52 -1.47 25.90
C PHE A 130 30.96 -0.28 26.74
N THR A 131 32.26 -0.19 26.94
CA THR A 131 32.88 0.93 27.66
C THR A 131 34.10 1.38 26.86
N CYS A 132 34.21 2.68 26.65
CA CYS A 132 35.34 3.24 25.93
C CYS A 132 35.60 4.62 26.54
N ARG A 133 36.84 4.85 26.95
CA ARG A 133 37.24 6.12 27.58
C ARG A 133 36.47 6.28 28.89
N ARG A 134 36.29 5.14 29.57
CA ARG A 134 35.57 5.05 30.84
C ARG A 134 34.14 5.58 30.70
N LYS A 135 33.58 5.48 29.50
CA LYS A 135 32.23 5.94 29.21
C LYS A 135 31.41 4.85 28.54
N PRO A 136 30.12 4.75 28.90
CA PRO A 136 29.19 3.76 28.35
C PRO A 136 28.92 4.05 26.87
N ILE A 137 29.18 3.06 26.01
CA ILE A 137 28.94 3.26 24.59
C ILE A 137 27.66 2.54 24.19
N HIS A 138 26.87 3.16 23.31
CA HIS A 138 25.60 2.57 22.88
C HIS A 138 25.73 1.46 21.83
N HIS A 139 24.72 0.60 21.80
CA HIS A 139 24.62 -0.50 20.85
C HIS A 139 23.84 -0.01 19.64
N PHE A 140 23.94 -0.75 18.54
CA PHE A 140 23.21 -0.40 17.33
C PHE A 140 22.42 -1.62 16.88
N LEU A 141 21.12 -1.43 16.70
CA LEU A 141 20.19 -2.50 16.29
C LEU A 141 20.41 -3.74 17.13
N GLY A 142 20.86 -3.54 18.36
CA GLY A 142 21.09 -4.63 19.28
C GLY A 142 22.27 -5.53 18.99
N ILE A 143 22.94 -5.35 17.85
CA ILE A 143 24.08 -6.20 17.51
C ILE A 143 25.49 -5.57 17.45
N SER A 144 25.55 -4.27 17.14
CA SER A 144 26.83 -3.52 17.06
C SER A 144 27.97 -4.40 16.57
N THR A 145 28.08 -4.56 15.26
CA THR A 145 29.11 -5.42 14.69
C THR A 145 30.42 -4.79 14.23
N PHE A 146 30.54 -3.46 14.30
CA PHE A 146 31.79 -2.79 13.93
C PHE A 146 32.72 -2.90 15.15
N SER A 147 32.88 -4.10 15.68
CA SER A 147 33.71 -4.36 16.84
C SER A 147 34.24 -5.79 16.77
N GLN A 148 35.47 -5.99 17.19
CA GLN A 148 36.11 -7.31 17.17
C GLN A 148 35.32 -8.36 17.94
N TYR A 149 34.60 -7.90 18.96
CA TYR A 149 33.74 -8.74 19.80
C TYR A 149 32.53 -7.92 20.17
N THR A 150 31.38 -8.58 20.23
CA THR A 150 30.13 -7.92 20.56
C THR A 150 29.26 -8.89 21.34
N VAL A 151 28.39 -8.34 22.18
CA VAL A 151 27.47 -9.15 22.96
C VAL A 151 26.10 -8.78 22.43
N VAL A 152 25.32 -9.80 22.14
CA VAL A 152 23.97 -9.64 21.60
C VAL A 152 23.01 -10.55 22.36
N ASP A 153 21.71 -10.32 22.18
CA ASP A 153 20.70 -11.15 22.81
C ASP A 153 20.58 -12.44 22.02
N GLU A 154 20.24 -13.52 22.71
CA GLU A 154 20.14 -14.83 22.08
C GLU A 154 19.20 -14.86 20.89
N ASN A 155 18.07 -14.16 21.02
CA ASN A 155 17.08 -14.12 19.95
C ASN A 155 17.49 -13.23 18.78
N ALA A 156 18.71 -12.68 18.85
CA ALA A 156 19.22 -11.82 17.80
C ALA A 156 20.47 -12.41 17.19
N VAL A 157 20.57 -13.73 17.20
CA VAL A 157 21.71 -14.44 16.61
C VAL A 157 21.25 -15.80 16.11
N ALA A 158 21.64 -16.14 14.88
CA ALA A 158 21.27 -17.41 14.30
C ALA A 158 22.49 -18.27 14.04
N LYS A 159 22.40 -19.54 14.41
CA LYS A 159 23.49 -20.51 14.21
C LYS A 159 23.44 -20.93 12.75
N ILE A 160 24.57 -20.86 12.06
CA ILE A 160 24.64 -21.22 10.66
C ILE A 160 25.59 -22.38 10.41
N ASP A 161 25.63 -22.86 9.16
CA ASP A 161 26.50 -23.95 8.73
C ASP A 161 27.97 -23.71 9.16
N ALA A 162 28.57 -24.71 9.77
CA ALA A 162 29.95 -24.67 10.23
C ALA A 162 30.96 -24.51 9.11
N ALA A 163 30.55 -24.82 7.88
CA ALA A 163 31.43 -24.70 6.72
C ALA A 163 31.16 -23.42 5.95
N SER A 164 30.27 -22.59 6.48
CA SER A 164 29.92 -21.33 5.83
C SER A 164 31.08 -20.36 5.71
N PRO A 165 31.34 -19.85 4.49
CA PRO A 165 32.40 -18.89 4.21
C PRO A 165 31.92 -17.54 4.76
N LEU A 166 32.32 -17.24 5.99
CA LEU A 166 31.92 -16.03 6.69
C LEU A 166 32.14 -14.69 5.97
N GLU A 167 33.12 -14.63 5.08
CA GLU A 167 33.40 -13.39 4.36
C GLU A 167 32.38 -13.08 3.25
N LYS A 168 31.49 -14.03 2.99
CA LYS A 168 30.46 -13.86 1.98
C LYS A 168 29.06 -13.86 2.59
N VAL A 169 28.77 -14.87 3.40
CA VAL A 169 27.47 -15.04 4.03
C VAL A 169 27.04 -13.90 4.95
N CYS A 170 27.97 -13.03 5.29
CA CYS A 170 27.62 -11.90 6.15
C CYS A 170 26.56 -11.03 5.47
N LEU A 171 26.59 -10.98 4.15
CA LEU A 171 25.61 -10.19 3.41
C LEU A 171 24.17 -10.69 3.63
N ILE A 172 24.05 -11.97 3.98
CA ILE A 172 22.75 -12.57 4.23
C ILE A 172 22.14 -11.99 5.52
N GLY A 173 22.97 -11.31 6.30
CA GLY A 173 22.51 -10.71 7.55
C GLY A 173 21.68 -9.45 7.33
N CYS A 174 21.82 -8.80 6.18
CA CYS A 174 21.06 -7.61 5.85
C CYS A 174 20.88 -7.37 4.37
N GLY A 175 21.99 -7.09 3.68
CA GLY A 175 21.98 -6.79 2.26
C GLY A 175 21.24 -7.68 1.28
N PHE A 176 21.71 -8.92 1.10
CA PHE A 176 21.08 -9.83 0.18
C PHE A 176 19.63 -10.14 0.52
N SER A 177 19.43 -10.60 1.74
CA SER A 177 18.12 -10.96 2.24
C SER A 177 17.07 -9.88 2.01
N THR A 178 17.42 -8.65 2.37
CA THR A 178 16.53 -7.52 2.20
C THR A 178 16.12 -7.37 0.74
N GLY A 179 17.10 -7.28 -0.16
CA GLY A 179 16.78 -7.09 -1.57
C GLY A 179 16.03 -8.25 -2.21
N TYR A 180 16.54 -9.46 -2.01
CA TYR A 180 15.94 -10.64 -2.56
C TYR A 180 14.52 -10.84 -2.00
N GLY A 181 14.40 -10.76 -0.68
CA GLY A 181 13.13 -10.93 -0.01
C GLY A 181 12.06 -9.97 -0.48
N SER A 182 12.44 -8.71 -0.69
CA SER A 182 11.51 -7.70 -1.14
C SER A 182 10.80 -8.14 -2.41
N ALA A 183 11.57 -8.73 -3.31
CA ALA A 183 11.05 -9.20 -4.59
C ALA A 183 10.22 -10.46 -4.43
N VAL A 184 10.76 -11.43 -3.71
CA VAL A 184 10.08 -12.71 -3.51
C VAL A 184 8.92 -12.70 -2.50
N ASN A 185 9.19 -12.37 -1.25
CA ASN A 185 8.15 -12.37 -0.21
C ASN A 185 7.22 -11.19 -0.20
N VAL A 186 7.78 -9.99 -0.10
CA VAL A 186 6.98 -8.78 -0.03
C VAL A 186 6.17 -8.53 -1.29
N ALA A 187 6.84 -8.08 -2.36
CA ALA A 187 6.18 -7.80 -3.62
C ALA A 187 5.51 -9.03 -4.20
N LYS A 188 6.20 -10.16 -4.15
CA LYS A 188 5.68 -11.42 -4.68
C LYS A 188 5.63 -11.31 -6.20
N VAL A 189 6.76 -10.91 -6.78
CA VAL A 189 6.89 -10.78 -8.22
C VAL A 189 6.37 -12.04 -8.90
N THR A 190 5.51 -11.83 -9.89
CA THR A 190 4.90 -12.91 -10.64
C THR A 190 5.65 -13.13 -11.94
N PRO A 191 5.66 -14.37 -12.44
CA PRO A 191 6.36 -14.66 -13.69
C PRO A 191 5.77 -13.88 -14.87
N GLY A 192 6.65 -13.40 -15.75
CA GLY A 192 6.23 -12.65 -16.92
C GLY A 192 5.88 -11.20 -16.61
N SER A 193 6.12 -10.76 -15.38
CA SER A 193 5.82 -9.39 -15.00
C SER A 193 6.97 -8.45 -15.28
N THR A 194 6.67 -7.15 -15.25
CA THR A 194 7.60 -6.06 -15.50
C THR A 194 7.89 -5.28 -14.19
N CYS A 195 9.15 -5.28 -13.78
CA CYS A 195 9.57 -4.60 -12.57
C CYS A 195 10.47 -3.38 -12.88
N ALA A 196 10.63 -2.53 -11.87
CA ALA A 196 11.48 -1.34 -11.95
C ALA A 196 12.17 -1.25 -10.58
N VAL A 197 13.50 -1.19 -10.59
CA VAL A 197 14.28 -1.13 -9.35
C VAL A 197 15.12 0.14 -9.29
N PHE A 198 14.78 1.03 -8.34
CA PHE A 198 15.54 2.26 -8.17
C PHE A 198 16.63 2.01 -7.14
N GLY A 199 17.89 2.26 -7.52
CA GLY A 199 18.99 2.05 -6.61
C GLY A 199 19.77 0.80 -6.92
N LEU A 200 21.00 0.96 -7.35
CA LEU A 200 21.82 -0.20 -7.69
C LEU A 200 22.93 -0.46 -6.69
N GLY A 201 22.61 -0.30 -5.40
CA GLY A 201 23.58 -0.57 -4.36
C GLY A 201 23.49 -2.07 -4.12
N GLY A 202 24.15 -2.58 -3.08
CA GLY A 202 24.09 -4.00 -2.78
C GLY A 202 22.69 -4.53 -2.53
N VAL A 203 21.85 -3.69 -1.92
CA VAL A 203 20.47 -4.07 -1.62
C VAL A 203 19.59 -4.05 -2.89
N GLY A 204 19.77 -3.02 -3.71
CA GLY A 204 19.00 -2.90 -4.94
C GLY A 204 19.32 -4.02 -5.92
N LEU A 205 20.61 -4.31 -6.08
CA LEU A 205 21.05 -5.38 -6.97
C LEU A 205 20.51 -6.73 -6.52
N SER A 206 20.37 -6.90 -5.21
CA SER A 206 19.83 -8.15 -4.68
C SER A 206 18.35 -8.22 -5.04
N ALA A 207 17.71 -7.06 -5.09
CA ALA A 207 16.30 -7.00 -5.48
C ALA A 207 16.20 -7.48 -6.92
N ILE A 208 17.08 -6.97 -7.80
CA ILE A 208 17.07 -7.40 -9.19
C ILE A 208 17.20 -8.91 -9.23
N MET A 209 18.13 -9.46 -8.45
CA MET A 209 18.29 -10.90 -8.40
C MET A 209 16.98 -11.58 -8.06
N GLY A 210 16.26 -11.00 -7.10
CA GLY A 210 14.99 -11.55 -6.68
C GLY A 210 13.98 -11.53 -7.81
N CYS A 211 13.95 -10.45 -8.57
CA CYS A 211 13.03 -10.32 -9.69
C CYS A 211 13.28 -11.36 -10.78
N LYS A 212 14.56 -11.62 -11.06
CA LYS A 212 14.94 -12.59 -12.06
C LYS A 212 14.54 -13.96 -11.54
N ALA A 213 14.83 -14.20 -10.27
CA ALA A 213 14.50 -15.45 -9.62
C ALA A 213 13.00 -15.69 -9.63
N ALA A 214 12.24 -14.62 -9.44
CA ALA A 214 10.78 -14.69 -9.41
C ALA A 214 10.16 -14.92 -10.78
N GLY A 215 10.94 -14.69 -11.84
CA GLY A 215 10.46 -14.90 -13.19
C GLY A 215 9.96 -13.68 -13.94
N ALA A 216 10.44 -12.50 -13.56
CA ALA A 216 10.03 -11.26 -14.23
C ALA A 216 10.53 -11.29 -15.66
N ALA A 217 9.73 -10.76 -16.58
CA ALA A 217 10.07 -10.69 -18.00
C ALA A 217 10.95 -9.48 -18.26
N ARG A 218 10.52 -8.32 -17.76
CA ARG A 218 11.28 -7.07 -17.90
C ARG A 218 11.74 -6.60 -16.53
N ILE A 219 13.01 -6.21 -16.42
CA ILE A 219 13.54 -5.69 -15.16
C ILE A 219 14.34 -4.43 -15.47
N ILE A 220 13.71 -3.27 -15.27
CA ILE A 220 14.34 -1.96 -15.53
C ILE A 220 15.08 -1.38 -14.33
N ALA A 221 16.40 -1.29 -14.43
CA ALA A 221 17.24 -0.75 -13.36
C ALA A 221 17.45 0.76 -13.52
N VAL A 222 17.19 1.51 -12.45
CA VAL A 222 17.33 2.97 -12.45
C VAL A 222 18.40 3.43 -11.47
N ASP A 223 19.28 4.32 -11.92
CA ASP A 223 20.36 4.85 -11.08
C ASP A 223 21.01 6.04 -11.76
N ILE A 224 21.52 6.97 -10.97
CA ILE A 224 22.21 8.15 -11.51
C ILE A 224 23.68 7.81 -11.83
N ASN A 225 24.19 6.75 -11.21
CA ASN A 225 25.55 6.26 -11.41
C ASN A 225 25.57 5.15 -12.46
N LYS A 226 25.94 5.50 -13.70
CA LYS A 226 25.97 4.54 -14.80
C LYS A 226 27.01 3.44 -14.69
N ASP A 227 27.95 3.58 -13.77
CA ASP A 227 28.98 2.56 -13.60
C ASP A 227 28.41 1.30 -12.95
N LYS A 228 27.19 1.43 -12.43
CA LYS A 228 26.49 0.32 -11.78
C LYS A 228 25.76 -0.56 -12.80
N PHE A 229 25.40 0.03 -13.93
CA PHE A 229 24.67 -0.66 -15.00
C PHE A 229 25.21 -2.02 -15.43
N ALA A 230 26.53 -2.19 -15.47
CA ALA A 230 27.11 -3.47 -15.87
C ALA A 230 26.70 -4.58 -14.90
N LYS A 231 26.88 -4.33 -13.62
CA LYS A 231 26.51 -5.33 -12.62
C LYS A 231 25.00 -5.57 -12.65
N ALA A 232 24.23 -4.50 -12.76
CA ALA A 232 22.76 -4.61 -12.83
C ALA A 232 22.37 -5.58 -13.94
N LYS A 233 22.88 -5.34 -15.15
CA LYS A 233 22.60 -6.20 -16.29
C LYS A 233 23.07 -7.64 -16.04
N GLU A 234 24.24 -7.78 -15.41
CA GLU A 234 24.78 -9.10 -15.12
C GLU A 234 23.83 -9.87 -14.22
N LEU A 235 23.22 -9.17 -13.28
CA LEU A 235 22.31 -9.80 -12.33
C LEU A 235 20.87 -10.04 -12.79
N GLY A 236 20.48 -9.53 -13.95
CA GLY A 236 19.14 -9.78 -14.43
C GLY A 236 18.42 -8.62 -15.09
N ALA A 237 18.84 -7.39 -14.85
CA ALA A 237 18.16 -6.24 -15.47
C ALA A 237 18.20 -6.35 -17.01
N THR A 238 17.06 -6.11 -17.63
CA THR A 238 16.94 -6.17 -19.08
C THR A 238 17.31 -4.84 -19.72
N GLU A 239 17.19 -3.77 -18.95
CA GLU A 239 17.54 -2.44 -19.41
C GLU A 239 17.86 -1.55 -18.21
N CYS A 240 18.73 -0.58 -18.41
CA CYS A 240 19.16 0.33 -17.37
C CYS A 240 18.98 1.74 -17.90
N ILE A 241 18.43 2.62 -17.07
CA ILE A 241 18.23 4.01 -17.47
C ILE A 241 18.66 4.98 -16.36
N ASN A 242 19.14 6.15 -16.77
CA ASN A 242 19.59 7.19 -15.84
C ASN A 242 18.67 8.38 -15.93
N PRO A 243 18.07 8.78 -14.79
CA PRO A 243 17.15 9.91 -14.70
C PRO A 243 17.74 11.19 -15.32
N GLN A 244 19.04 11.39 -15.14
CA GLN A 244 19.73 12.56 -15.66
C GLN A 244 19.82 12.67 -17.19
N ASP A 245 19.58 11.59 -17.90
CA ASP A 245 19.64 11.65 -19.37
C ASP A 245 18.33 12.05 -20.02
N TYR A 246 17.33 12.35 -19.21
CA TYR A 246 16.02 12.70 -19.71
C TYR A 246 15.58 14.09 -19.29
N LYS A 247 14.63 14.64 -20.04
CA LYS A 247 14.07 15.94 -19.77
C LYS A 247 12.87 15.83 -18.83
N LYS A 248 12.02 14.83 -19.06
CA LYS A 248 10.82 14.58 -18.27
C LYS A 248 11.10 13.71 -17.04
N PRO A 249 10.18 13.75 -16.04
CA PRO A 249 10.30 12.98 -14.81
C PRO A 249 10.45 11.49 -15.09
N ILE A 250 11.38 10.86 -14.37
CA ILE A 250 11.66 9.44 -14.54
C ILE A 250 10.43 8.55 -14.56
N GLN A 251 9.41 8.89 -13.77
CA GLN A 251 8.19 8.07 -13.76
C GLN A 251 7.43 8.21 -15.08
N GLU A 252 7.49 9.38 -15.70
CA GLU A 252 6.82 9.61 -16.99
C GLU A 252 7.54 8.82 -18.07
N VAL A 253 8.83 8.64 -17.86
CA VAL A 253 9.69 7.89 -18.77
C VAL A 253 9.34 6.41 -18.69
N LEU A 254 9.33 5.87 -17.47
CA LEU A 254 9.02 4.45 -17.27
C LEU A 254 7.60 4.09 -17.72
N LYS A 255 6.63 4.96 -17.43
CA LYS A 255 5.24 4.73 -17.84
C LYS A 255 5.14 4.66 -19.36
N GLU A 256 5.95 5.45 -20.05
CA GLU A 256 5.96 5.48 -21.50
C GLU A 256 6.59 4.24 -22.12
N MET A 257 7.58 3.67 -21.46
CA MET A 257 8.23 2.49 -21.99
C MET A 257 7.59 1.18 -21.54
N THR A 258 6.55 1.29 -20.70
CA THR A 258 5.86 0.11 -20.21
C THR A 258 4.33 0.18 -20.33
N ASP A 259 3.84 0.90 -21.33
CA ASP A 259 2.40 1.01 -21.56
C ASP A 259 1.57 1.49 -20.36
N GLY A 260 2.06 2.49 -19.65
CA GLY A 260 1.32 3.01 -18.52
C GLY A 260 1.86 2.68 -17.14
N GLY A 261 2.90 1.86 -17.08
CA GLY A 261 3.47 1.52 -15.79
C GLY A 261 3.90 0.07 -15.59
N VAL A 262 4.78 -0.11 -14.62
CA VAL A 262 5.28 -1.42 -14.28
C VAL A 262 4.30 -2.14 -13.32
N ASP A 263 4.48 -3.44 -13.17
CA ASP A 263 3.61 -4.23 -12.31
C ASP A 263 4.16 -4.11 -10.89
N PHE A 264 5.48 -4.05 -10.79
CA PHE A 264 6.14 -3.96 -9.50
C PHE A 264 7.29 -2.95 -9.54
N SER A 265 7.25 -1.98 -8.64
CA SER A 265 8.30 -1.00 -8.55
C SER A 265 8.93 -1.13 -7.18
N PHE A 266 10.24 -0.90 -7.11
CA PHE A 266 11.00 -1.00 -5.88
C PHE A 266 11.89 0.22 -5.71
N GLU A 267 11.87 0.82 -4.52
CA GLU A 267 12.73 1.97 -4.21
C GLU A 267 13.76 1.43 -3.22
N VAL A 268 15.02 1.39 -3.64
CA VAL A 268 16.09 0.89 -2.81
C VAL A 268 17.23 1.92 -2.71
N ILE A 269 16.85 3.18 -2.54
CA ILE A 269 17.80 4.28 -2.40
C ILE A 269 17.59 4.86 -1.01
N GLY A 270 16.41 5.47 -0.81
CA GLY A 270 16.11 6.07 0.47
C GLY A 270 15.87 7.56 0.39
N ARG A 271 15.16 8.01 -0.64
CA ARG A 271 14.84 9.42 -0.83
C ARG A 271 13.35 9.54 -1.07
N LEU A 272 12.78 10.66 -0.68
CA LEU A 272 11.35 10.91 -0.84
C LEU A 272 10.95 11.07 -2.30
N ASP A 273 11.80 11.71 -3.09
CA ASP A 273 11.50 11.91 -4.50
C ASP A 273 11.48 10.61 -5.31
N THR A 274 12.38 9.69 -4.97
CA THR A 274 12.43 8.43 -5.68
C THR A 274 11.31 7.48 -5.20
N MET A 275 10.84 7.67 -3.97
CA MET A 275 9.75 6.88 -3.41
C MET A 275 8.46 7.30 -4.07
N MET A 276 8.35 8.60 -4.35
CA MET A 276 7.16 9.09 -5.00
C MET A 276 7.21 8.70 -6.47
N ALA A 277 8.37 8.79 -7.10
CA ALA A 277 8.50 8.41 -8.51
C ALA A 277 8.30 6.91 -8.70
N SER A 278 8.76 6.12 -7.75
CA SER A 278 8.62 4.67 -7.82
C SER A 278 7.14 4.27 -7.74
N LEU A 279 6.40 4.92 -6.86
CA LEU A 279 4.98 4.64 -6.70
C LEU A 279 4.30 5.06 -8.00
N LEU A 280 4.65 6.24 -8.49
CA LEU A 280 4.10 6.79 -9.72
C LEU A 280 4.37 5.96 -10.98
N CYS A 281 5.52 5.31 -11.06
CA CYS A 281 5.86 4.52 -12.23
C CYS A 281 5.10 3.19 -12.35
N CYS A 282 4.48 2.69 -11.27
CA CYS A 282 3.72 1.45 -11.40
C CYS A 282 2.34 1.78 -11.93
N HIS A 283 1.74 0.87 -12.69
CA HIS A 283 0.44 1.14 -13.28
C HIS A 283 -0.61 1.54 -12.27
N GLU A 284 -1.25 2.68 -12.51
CA GLU A 284 -2.29 3.17 -11.61
C GLU A 284 -3.39 2.18 -11.25
N ALA A 285 -3.71 1.29 -12.17
CA ALA A 285 -4.77 0.31 -11.95
C ALA A 285 -4.36 -1.07 -11.45
N CYS A 286 -3.09 -1.42 -11.56
CA CYS A 286 -2.66 -2.75 -11.11
C CYS A 286 -1.25 -2.80 -10.53
N GLY A 287 -0.64 -1.63 -10.35
CA GLY A 287 0.70 -1.56 -9.82
C GLY A 287 0.86 -1.82 -8.33
N THR A 288 2.00 -2.39 -7.99
CA THR A 288 2.37 -2.70 -6.61
C THR A 288 3.77 -2.09 -6.41
N SER A 289 3.89 -1.14 -5.49
CA SER A 289 5.17 -0.49 -5.23
C SER A 289 5.65 -0.81 -3.81
N VAL A 290 6.87 -1.33 -3.71
CA VAL A 290 7.47 -1.71 -2.44
C VAL A 290 8.57 -0.72 -2.00
N ILE A 291 8.47 -0.25 -0.76
CA ILE A 291 9.47 0.67 -0.22
C ILE A 291 10.50 -0.18 0.52
N VAL A 292 11.74 -0.15 0.05
CA VAL A 292 12.84 -0.90 0.64
C VAL A 292 13.84 0.09 1.28
N GLY A 293 14.10 1.18 0.57
CA GLY A 293 15.03 2.20 1.03
C GLY A 293 14.52 3.03 2.19
N VAL A 294 15.37 3.22 3.20
CA VAL A 294 15.02 4.00 4.38
C VAL A 294 15.31 5.48 4.18
N PRO A 295 14.26 6.32 4.20
CA PRO A 295 14.34 7.77 4.02
C PRO A 295 14.92 8.49 5.24
N PRO A 296 15.33 9.75 5.07
CA PRO A 296 15.89 10.54 6.18
C PRO A 296 14.84 10.78 7.27
N ASP A 297 15.27 10.69 8.52
CA ASP A 297 14.42 10.86 9.70
C ASP A 297 13.52 12.10 9.68
N SER A 298 12.28 11.92 10.13
CA SER A 298 11.29 13.01 10.19
C SER A 298 10.84 13.67 8.89
N GLN A 299 11.47 13.36 7.76
CA GLN A 299 11.03 13.96 6.51
C GLN A 299 9.72 13.25 6.10
N ASN A 300 8.69 14.00 5.74
CA ASN A 300 7.42 13.41 5.35
C ASN A 300 7.06 13.57 3.87
N LEU A 301 6.41 12.55 3.34
CA LEU A 301 5.97 12.53 1.94
C LEU A 301 4.63 13.24 1.77
N SER A 302 4.45 13.89 0.63
CA SER A 302 3.20 14.57 0.34
C SER A 302 2.58 13.78 -0.80
N MET A 303 1.50 13.06 -0.53
CA MET A 303 0.88 12.27 -1.58
C MET A 303 -0.63 12.35 -1.68
N ASN A 304 -1.12 12.29 -2.90
CA ASN A 304 -2.55 12.34 -3.19
C ASN A 304 -3.10 10.92 -3.06
N PRO A 305 -4.10 10.73 -2.18
CA PRO A 305 -4.71 9.41 -1.97
C PRO A 305 -5.27 8.80 -3.25
N MET A 306 -5.58 9.63 -4.23
CA MET A 306 -6.14 9.16 -5.49
C MET A 306 -5.18 8.20 -6.20
N LEU A 307 -3.89 8.32 -5.93
CA LEU A 307 -2.87 7.45 -6.52
C LEU A 307 -3.10 6.00 -6.13
N LEU A 308 -3.76 5.78 -4.99
CA LEU A 308 -4.05 4.42 -4.55
C LEU A 308 -5.50 4.03 -4.87
N LEU A 309 -6.38 5.01 -4.88
CA LEU A 309 -7.81 4.82 -5.16
C LEU A 309 -8.04 4.08 -6.46
N THR A 310 -7.24 4.40 -7.46
CA THR A 310 -7.36 3.79 -8.78
C THR A 310 -7.04 2.29 -8.83
N GLY A 311 -6.27 1.80 -7.86
CA GLY A 311 -5.95 0.40 -7.83
C GLY A 311 -4.50 0.03 -7.57
N ARG A 312 -3.78 0.89 -6.87
CA ARG A 312 -2.37 0.60 -6.56
C ARG A 312 -2.20 0.10 -5.15
N THR A 313 -1.22 -0.78 -4.97
CA THR A 313 -0.87 -1.33 -3.67
C THR A 313 0.50 -0.75 -3.33
N TRP A 314 0.63 -0.22 -2.12
CA TRP A 314 1.89 0.36 -1.68
C TRP A 314 2.20 -0.37 -0.39
N LYS A 315 3.43 -0.87 -0.27
CA LYS A 315 3.83 -1.60 0.93
C LYS A 315 5.33 -1.48 1.15
N GLY A 316 5.79 -1.97 2.29
CA GLY A 316 7.20 -1.92 2.61
C GLY A 316 7.53 -3.02 3.59
N ALA A 317 8.81 -3.24 3.85
CA ALA A 317 9.22 -4.28 4.79
C ALA A 317 10.64 -4.09 5.23
N ILE A 318 11.02 -4.83 6.27
CA ILE A 318 12.39 -4.79 6.77
C ILE A 318 12.90 -6.21 6.69
N LEU A 319 14.15 -6.35 6.26
CA LEU A 319 14.79 -7.66 6.10
C LEU A 319 14.11 -8.54 5.05
N GLY A 320 13.42 -7.88 4.12
CA GLY A 320 12.71 -8.58 3.07
C GLY A 320 11.60 -9.47 3.60
N GLY A 321 11.09 -9.13 4.77
CA GLY A 321 10.01 -9.89 5.39
C GLY A 321 10.42 -11.24 5.96
N PHE A 322 11.71 -11.53 5.97
CA PHE A 322 12.20 -12.81 6.49
C PHE A 322 12.21 -12.84 8.01
N LYS A 323 11.68 -13.90 8.60
CA LYS A 323 11.75 -14.03 10.06
C LYS A 323 13.23 -14.35 10.26
N SER A 324 13.95 -13.40 10.85
CA SER A 324 15.40 -13.51 11.04
C SER A 324 16.07 -14.80 11.53
N LYS A 325 15.89 -15.14 12.80
CA LYS A 325 16.54 -16.33 13.37
C LYS A 325 16.19 -17.61 12.65
N GLU A 326 15.01 -17.60 12.07
CA GLU A 326 14.47 -18.74 11.34
C GLU A 326 15.03 -18.88 9.94
N CYS A 327 14.78 -17.86 9.12
CA CYS A 327 15.19 -17.84 7.73
C CYS A 327 16.68 -17.69 7.42
N VAL A 328 17.41 -16.92 8.22
CA VAL A 328 18.84 -16.72 7.96
C VAL A 328 19.62 -18.01 7.72
N PRO A 329 19.54 -19.00 8.64
CA PRO A 329 20.26 -20.26 8.45
C PRO A 329 19.80 -21.02 7.19
N LYS A 330 18.54 -20.80 6.80
CA LYS A 330 17.95 -21.44 5.60
C LYS A 330 18.60 -20.87 4.34
N LEU A 331 18.73 -19.55 4.30
CA LEU A 331 19.33 -18.86 3.16
C LEU A 331 20.79 -19.28 3.06
N VAL A 332 21.43 -19.47 4.21
CA VAL A 332 22.83 -19.91 4.22
C VAL A 332 22.90 -21.30 3.57
N ALA A 333 21.94 -22.15 3.95
CA ALA A 333 21.86 -23.50 3.39
C ALA A 333 21.63 -23.41 1.89
N ASP A 334 20.84 -22.42 1.47
CA ASP A 334 20.56 -22.21 0.06
C ASP A 334 21.82 -21.80 -0.66
N PHE A 335 22.60 -20.94 -0.02
CA PHE A 335 23.84 -20.46 -0.59
C PHE A 335 24.82 -21.62 -0.75
N MET A 336 24.99 -22.40 0.31
CA MET A 336 25.89 -23.56 0.26
C MET A 336 25.46 -24.53 -0.82
N ALA A 337 24.16 -24.53 -1.15
CA ALA A 337 23.62 -25.41 -2.18
C ALA A 337 23.60 -24.77 -3.57
N LYS A 338 24.34 -23.67 -3.72
CA LYS A 338 24.43 -22.94 -4.98
C LYS A 338 23.12 -22.40 -5.53
N LYS A 339 22.18 -22.07 -4.65
CA LYS A 339 20.91 -21.51 -5.10
C LYS A 339 21.14 -20.11 -5.66
N PHE A 340 22.08 -19.37 -5.06
CA PHE A 340 22.39 -18.02 -5.50
C PHE A 340 23.87 -17.71 -5.29
N SER A 341 24.33 -16.64 -5.92
CA SER A 341 25.72 -16.23 -5.81
C SER A 341 25.78 -14.84 -5.17
N LEU A 342 26.77 -14.61 -4.31
CA LEU A 342 26.95 -13.33 -3.64
C LEU A 342 28.14 -12.55 -4.20
N ASP A 343 29.11 -13.27 -4.74
CA ASP A 343 30.32 -12.66 -5.30
C ASP A 343 30.12 -11.32 -5.99
N ALA A 344 29.17 -11.25 -6.92
CA ALA A 344 28.91 -10.02 -7.65
C ALA A 344 28.69 -8.82 -6.73
N LEU A 345 28.03 -9.06 -5.60
CA LEU A 345 27.74 -7.99 -4.66
C LEU A 345 29.01 -7.42 -4.02
N ILE A 346 29.96 -8.31 -3.71
CA ILE A 346 31.21 -7.96 -3.06
C ILE A 346 32.25 -7.40 -4.05
N THR A 347 32.44 -6.09 -4.04
CA THR A 347 33.40 -5.42 -4.93
C THR A 347 34.74 -5.06 -4.27
N HIS A 348 34.74 -4.93 -2.96
CA HIS A 348 35.94 -4.55 -2.25
C HIS A 348 36.05 -5.23 -0.90
N VAL A 349 37.27 -5.45 -0.47
CA VAL A 349 37.58 -6.07 0.80
C VAL A 349 38.71 -5.24 1.43
N LEU A 350 38.57 -4.98 2.72
CA LEU A 350 39.54 -4.19 3.46
C LEU A 350 39.63 -4.74 4.88
N PRO A 351 40.73 -4.45 5.58
CA PRO A 351 40.87 -4.91 6.95
C PRO A 351 40.03 -3.94 7.80
N PHE A 352 39.46 -4.42 8.90
CA PHE A 352 38.61 -3.62 9.78
C PHE A 352 39.11 -2.21 10.08
N GLU A 353 40.39 -2.10 10.43
CA GLU A 353 40.99 -0.81 10.75
C GLU A 353 40.85 0.24 9.64
N LYS A 354 40.67 -0.20 8.39
CA LYS A 354 40.51 0.71 7.27
C LYS A 354 39.03 0.98 6.98
N ILE A 355 38.19 0.86 8.00
CA ILE A 355 36.75 1.07 7.88
C ILE A 355 36.35 2.36 7.14
N ASN A 356 37.00 3.48 7.47
CA ASN A 356 36.65 4.73 6.84
C ASN A 356 36.84 4.71 5.33
N GLU A 357 37.81 3.93 4.85
CA GLU A 357 38.04 3.81 3.42
C GLU A 357 36.80 3.19 2.79
N GLY A 358 36.23 2.19 3.47
CA GLY A 358 35.04 1.53 2.98
C GLY A 358 33.94 2.53 2.72
N PHE A 359 33.74 3.44 3.66
CA PHE A 359 32.70 4.46 3.52
C PHE A 359 33.05 5.45 2.43
N ASP A 360 34.35 5.58 2.17
CA ASP A 360 34.82 6.48 1.12
C ASP A 360 34.44 5.88 -0.20
N LEU A 361 34.69 4.57 -0.31
CA LEU A 361 34.36 3.80 -1.51
C LEU A 361 32.86 3.91 -1.78
N LEU A 362 32.06 3.80 -0.73
CA LEU A 362 30.61 3.90 -0.85
C LEU A 362 30.24 5.26 -1.44
N HIS A 363 30.68 6.31 -0.76
CA HIS A 363 30.39 7.68 -1.18
C HIS A 363 30.81 7.99 -2.61
N SER A 364 31.84 7.32 -3.10
CA SER A 364 32.34 7.53 -4.45
C SER A 364 31.55 6.73 -5.49
N GLY A 365 30.90 5.66 -5.03
CA GLY A 365 30.10 4.84 -5.93
C GLY A 365 30.90 3.81 -6.70
N LYS A 366 32.17 3.64 -6.31
CA LYS A 366 33.02 2.66 -6.96
C LYS A 366 32.72 1.28 -6.39
N SER A 367 32.14 1.28 -5.20
CA SER A 367 31.81 0.03 -4.54
C SER A 367 30.33 -0.23 -4.42
N ILE A 368 30.01 -1.51 -4.27
CA ILE A 368 28.68 -2.00 -4.05
C ILE A 368 28.81 -2.37 -2.56
N ARG A 369 29.39 -3.52 -2.29
CA ARG A 369 29.59 -3.95 -0.90
C ARG A 369 31.07 -4.11 -0.61
N THR A 370 31.49 -3.58 0.53
CA THR A 370 32.87 -3.68 0.97
C THR A 370 32.80 -4.51 2.25
N ILE A 371 33.61 -5.57 2.31
CA ILE A 371 33.65 -6.44 3.47
C ILE A 371 34.90 -6.17 4.31
N LEU A 372 34.70 -5.80 5.57
CA LEU A 372 35.81 -5.53 6.47
C LEU A 372 36.11 -6.82 7.21
N MET A 373 37.38 -7.23 7.19
CA MET A 373 37.79 -8.45 7.85
C MET A 373 38.50 -8.06 9.13
N PHE A 374 38.20 -8.73 10.22
CA PHE A 374 38.85 -8.43 11.51
C PHE A 374 40.13 -9.25 11.65
N SER B 1 -42.94 6.75 -30.24
CA SER B 1 -42.15 7.20 -31.42
C SER B 1 -41.09 8.19 -30.95
N THR B 2 -40.25 7.72 -30.04
CA THR B 2 -39.17 8.51 -29.47
C THR B 2 -37.83 8.17 -30.14
N ALA B 3 -37.65 6.90 -30.50
CA ALA B 3 -36.44 6.41 -31.14
C ALA B 3 -36.01 7.34 -32.28
N GLY B 4 -34.73 7.66 -32.33
CA GLY B 4 -34.19 8.53 -33.36
C GLY B 4 -34.53 10.01 -33.23
N LYS B 5 -35.34 10.34 -32.24
CA LYS B 5 -35.76 11.72 -32.01
C LYS B 5 -35.26 12.27 -30.69
N VAL B 6 -35.18 13.60 -30.62
CA VAL B 6 -34.74 14.31 -29.42
C VAL B 6 -35.85 14.25 -28.37
N ILE B 7 -35.53 13.75 -27.17
CA ILE B 7 -36.51 13.66 -26.10
C ILE B 7 -36.45 14.90 -25.21
N LYS B 8 -37.60 15.31 -24.72
CA LYS B 8 -37.69 16.47 -23.83
C LYS B 8 -38.18 15.95 -22.49
N CYS B 9 -37.30 15.99 -21.50
CA CYS B 9 -37.60 15.51 -20.16
C CYS B 9 -37.04 16.46 -19.09
N LYS B 10 -37.18 16.06 -17.84
CA LYS B 10 -36.69 16.85 -16.72
C LYS B 10 -35.49 16.19 -16.06
N ALA B 11 -34.55 17.02 -15.62
CA ALA B 11 -33.35 16.56 -14.96
C ALA B 11 -32.91 17.57 -13.93
N ALA B 12 -32.11 17.12 -12.97
CA ALA B 12 -31.59 17.98 -11.92
C ALA B 12 -30.25 18.52 -12.43
N VAL B 13 -30.23 19.79 -12.81
CA VAL B 13 -29.00 20.42 -13.29
C VAL B 13 -28.29 21.20 -12.19
N LEU B 14 -26.96 21.15 -12.18
CA LEU B 14 -26.20 21.91 -11.20
C LEU B 14 -25.48 22.96 -12.02
N TRP B 15 -25.97 24.19 -11.95
CA TRP B 15 -25.41 25.31 -12.70
C TRP B 15 -24.18 25.92 -12.01
N GLU B 16 -24.22 25.99 -10.69
CA GLU B 16 -23.13 26.56 -9.91
C GLU B 16 -22.79 25.64 -8.76
N LEU B 17 -21.62 25.87 -8.17
CA LEU B 17 -21.17 25.07 -7.04
C LEU B 17 -21.86 25.49 -5.74
N LYS B 18 -21.99 24.53 -4.83
CA LYS B 18 -22.59 24.77 -3.53
C LYS B 18 -24.02 25.33 -3.62
N LYS B 19 -24.76 24.89 -4.62
CA LYS B 19 -26.13 25.34 -4.80
C LYS B 19 -27.10 24.18 -5.00
N PRO B 20 -28.41 24.46 -4.86
CA PRO B 20 -29.44 23.43 -5.04
C PRO B 20 -29.54 22.97 -6.50
N PHE B 21 -30.01 21.75 -6.69
CA PHE B 21 -30.20 21.20 -8.03
C PHE B 21 -31.42 21.91 -8.61
N SER B 22 -31.35 22.26 -9.88
CA SER B 22 -32.45 22.92 -10.55
C SER B 22 -33.16 21.93 -11.48
N ILE B 23 -34.37 21.54 -11.12
CA ILE B 23 -35.15 20.64 -11.96
C ILE B 23 -35.62 21.47 -13.15
N GLU B 24 -35.08 21.18 -14.33
CA GLU B 24 -35.44 21.91 -15.52
C GLU B 24 -35.73 20.96 -16.66
N GLU B 25 -36.22 21.52 -17.76
CA GLU B 25 -36.53 20.74 -18.94
C GLU B 25 -35.27 20.73 -19.80
N VAL B 26 -34.75 19.54 -20.04
CA VAL B 26 -33.55 19.33 -20.83
C VAL B 26 -33.91 18.55 -22.09
N GLU B 27 -32.98 18.47 -23.03
CA GLU B 27 -33.20 17.76 -24.26
C GLU B 27 -32.12 16.70 -24.45
N VAL B 28 -32.56 15.45 -24.53
CA VAL B 28 -31.68 14.32 -24.71
C VAL B 28 -31.65 14.01 -26.21
N ALA B 29 -30.48 14.08 -26.82
CA ALA B 29 -30.35 13.77 -28.24
C ALA B 29 -30.40 12.23 -28.35
N PRO B 30 -30.94 11.69 -29.45
CA PRO B 30 -31.03 10.23 -29.63
C PRO B 30 -29.64 9.60 -29.61
N PRO B 31 -29.55 8.33 -29.17
CA PRO B 31 -28.26 7.62 -29.11
C PRO B 31 -27.52 7.49 -30.45
N LYS B 32 -26.20 7.65 -30.40
CA LYS B 32 -25.37 7.54 -31.60
C LYS B 32 -24.84 6.12 -31.69
N ALA B 33 -24.00 5.87 -32.70
CA ALA B 33 -23.42 4.54 -32.89
C ALA B 33 -22.76 4.05 -31.61
N HIS B 34 -23.18 2.87 -31.16
CA HIS B 34 -22.66 2.25 -29.98
C HIS B 34 -22.97 3.00 -28.68
N GLU B 35 -24.13 3.66 -28.66
CA GLU B 35 -24.58 4.38 -27.48
C GLU B 35 -25.96 3.87 -27.12
N VAL B 36 -26.38 4.10 -25.88
CA VAL B 36 -27.67 3.64 -25.41
C VAL B 36 -28.41 4.69 -24.58
N ARG B 37 -29.68 4.91 -24.91
CA ARG B 37 -30.49 5.88 -24.19
C ARG B 37 -31.34 5.10 -23.18
N ILE B 38 -31.29 5.50 -21.92
CA ILE B 38 -32.04 4.82 -20.87
C ILE B 38 -33.11 5.68 -20.14
N LYS B 39 -34.26 5.08 -19.82
CA LYS B 39 -35.34 5.72 -19.07
C LYS B 39 -35.02 5.33 -17.64
N MET B 40 -34.64 6.30 -16.80
CA MET B 40 -34.32 6.00 -15.41
C MET B 40 -35.55 5.64 -14.60
N VAL B 41 -35.36 4.75 -13.63
CA VAL B 41 -36.43 4.31 -12.76
C VAL B 41 -36.11 4.68 -11.32
N ALA B 42 -34.87 4.39 -10.91
CA ALA B 42 -34.42 4.68 -9.54
C ALA B 42 -32.94 5.06 -9.48
N VAL B 43 -32.62 6.01 -8.62
CA VAL B 43 -31.23 6.46 -8.46
C VAL B 43 -30.95 6.83 -7.00
N GLY B 44 -29.87 6.27 -6.48
CA GLY B 44 -29.48 6.53 -5.10
C GLY B 44 -28.57 7.75 -5.00
N ILE B 45 -28.47 8.31 -3.81
CA ILE B 45 -27.63 9.47 -3.55
C ILE B 45 -26.34 8.99 -2.90
N CYS B 46 -25.23 9.16 -3.60
CA CYS B 46 -23.93 8.73 -3.09
C CYS B 46 -23.09 9.95 -2.72
N GLY B 47 -22.25 9.78 -1.71
CA GLY B 47 -21.39 10.86 -1.27
C GLY B 47 -20.67 11.53 -2.42
N THR B 48 -20.30 10.75 -3.42
CA THR B 48 -19.59 11.25 -4.60
C THR B 48 -20.33 12.39 -5.30
N ASP B 49 -21.65 12.28 -5.44
CA ASP B 49 -22.45 13.34 -6.08
C ASP B 49 -22.37 14.60 -5.21
N ASP B 50 -22.42 14.41 -3.90
CA ASP B 50 -22.36 15.51 -2.96
C ASP B 50 -21.03 16.23 -3.10
N HIS B 51 -19.96 15.45 -3.24
CA HIS B 51 -18.62 16.00 -3.38
C HIS B 51 -18.50 16.99 -4.54
N VAL B 52 -19.16 16.69 -5.65
CA VAL B 52 -19.11 17.60 -6.80
C VAL B 52 -19.86 18.87 -6.44
N VAL B 53 -20.96 18.74 -5.72
CA VAL B 53 -21.75 19.91 -5.31
C VAL B 53 -20.87 20.87 -4.52
N SER B 54 -20.18 20.34 -3.52
CA SER B 54 -19.33 21.14 -2.65
C SER B 54 -18.02 21.58 -3.32
N GLY B 55 -17.83 21.20 -4.57
CA GLY B 55 -16.61 21.57 -5.27
C GLY B 55 -15.43 20.74 -4.80
N THR B 56 -15.72 19.71 -3.99
CA THR B 56 -14.71 18.79 -3.46
C THR B 56 -14.19 17.91 -4.60
N MET B 57 -15.10 17.45 -5.46
CA MET B 57 -14.74 16.63 -6.61
C MET B 57 -14.89 17.48 -7.87
N VAL B 58 -13.77 17.78 -8.52
CA VAL B 58 -13.82 18.61 -9.71
C VAL B 58 -14.35 17.88 -10.93
N THR B 59 -15.25 18.55 -11.63
CA THR B 59 -15.85 18.06 -12.86
C THR B 59 -16.49 19.30 -13.50
N PRO B 60 -16.45 19.38 -14.83
CA PRO B 60 -17.02 20.52 -15.56
C PRO B 60 -18.47 20.85 -15.22
N LEU B 61 -18.80 22.14 -15.27
CA LEU B 61 -20.15 22.63 -15.00
C LEU B 61 -20.57 23.52 -16.18
N PRO B 62 -21.88 23.63 -16.46
CA PRO B 62 -23.00 22.99 -15.76
C PRO B 62 -22.98 21.50 -16.06
N VAL B 63 -23.56 20.70 -15.17
CA VAL B 63 -23.57 19.26 -15.36
C VAL B 63 -24.78 18.59 -14.71
N ILE B 64 -25.12 17.40 -15.18
CA ILE B 64 -26.19 16.59 -14.63
C ILE B 64 -25.42 15.43 -14.01
N LEU B 65 -25.49 15.30 -12.70
CA LEU B 65 -24.78 14.27 -11.96
C LEU B 65 -25.60 12.99 -11.86
N GLY B 66 -25.37 12.22 -10.80
CA GLY B 66 -26.06 10.96 -10.60
C GLY B 66 -25.26 9.84 -11.24
N HIS B 67 -25.10 8.71 -10.53
CA HIS B 67 -24.32 7.61 -11.07
C HIS B 67 -24.67 6.24 -10.50
N GLU B 68 -25.50 6.22 -9.46
CA GLU B 68 -25.90 4.96 -8.82
C GLU B 68 -27.37 4.77 -9.20
N ALA B 69 -27.63 4.28 -10.41
CA ALA B 69 -29.00 4.12 -10.90
C ALA B 69 -29.36 2.81 -11.56
N ALA B 70 -30.61 2.75 -12.03
CA ALA B 70 -31.16 1.58 -12.72
C ALA B 70 -32.39 2.03 -13.50
N GLY B 71 -32.55 1.49 -14.70
CA GLY B 71 -33.68 1.86 -15.54
C GLY B 71 -33.95 0.86 -16.64
N ILE B 72 -34.63 1.34 -17.69
CA ILE B 72 -35.01 0.54 -18.83
C ILE B 72 -34.44 1.17 -20.10
N VAL B 73 -33.92 0.35 -21.00
CA VAL B 73 -33.36 0.87 -22.26
C VAL B 73 -34.50 1.34 -23.17
N GLU B 74 -34.47 2.61 -23.53
CA GLU B 74 -35.50 3.18 -24.41
C GLU B 74 -35.14 2.90 -25.87
N SER B 75 -33.92 3.30 -26.28
CA SER B 75 -33.48 3.06 -27.64
C SER B 75 -31.97 2.87 -27.78
N VAL B 76 -31.61 2.00 -28.69
CA VAL B 76 -30.25 1.62 -29.00
C VAL B 76 -29.74 2.32 -30.25
N GLY B 77 -28.45 2.67 -30.24
CA GLY B 77 -27.85 3.32 -31.39
C GLY B 77 -27.31 2.28 -32.36
N GLU B 78 -26.79 2.74 -33.49
CA GLU B 78 -26.24 1.85 -34.51
C GLU B 78 -25.08 1.01 -33.97
N GLY B 79 -25.16 -0.31 -34.13
CA GLY B 79 -24.09 -1.18 -33.68
C GLY B 79 -24.16 -1.77 -32.28
N VAL B 80 -25.17 -1.40 -31.49
CA VAL B 80 -25.31 -1.95 -30.14
C VAL B 80 -25.75 -3.41 -30.22
N THR B 81 -25.17 -4.25 -29.38
CA THR B 81 -25.46 -5.67 -29.38
C THR B 81 -25.74 -6.24 -27.98
N THR B 82 -25.14 -5.64 -26.97
CA THR B 82 -25.25 -6.10 -25.58
C THR B 82 -26.59 -5.89 -24.86
N VAL B 83 -27.36 -4.90 -25.30
CA VAL B 83 -28.67 -4.59 -24.73
C VAL B 83 -29.56 -4.06 -25.85
N LYS B 84 -30.86 -4.07 -25.62
CA LYS B 84 -31.83 -3.58 -26.60
C LYS B 84 -33.02 -2.96 -25.87
N PRO B 85 -33.86 -2.18 -26.58
CA PRO B 85 -35.03 -1.55 -25.95
C PRO B 85 -35.83 -2.50 -25.06
N GLY B 86 -36.23 -2.00 -23.89
CA GLY B 86 -37.01 -2.81 -22.96
C GLY B 86 -36.19 -3.51 -21.89
N ASP B 87 -34.89 -3.56 -22.08
CA ASP B 87 -33.98 -4.22 -21.14
C ASP B 87 -33.75 -3.47 -19.83
N LYS B 88 -33.74 -4.21 -18.71
CA LYS B 88 -33.45 -3.64 -17.39
C LYS B 88 -31.94 -3.55 -17.37
N VAL B 89 -31.42 -2.35 -17.16
CA VAL B 89 -29.99 -2.12 -17.12
C VAL B 89 -29.55 -1.23 -15.99
N ILE B 90 -28.27 -1.36 -15.67
CA ILE B 90 -27.63 -0.55 -14.63
C ILE B 90 -26.44 0.16 -15.29
N PRO B 91 -26.52 1.50 -15.41
CA PRO B 91 -25.41 2.25 -16.02
C PRO B 91 -24.18 2.07 -15.13
N LEU B 92 -22.98 2.25 -15.68
CA LEU B 92 -21.76 2.02 -14.92
C LEU B 92 -20.84 3.23 -14.82
N ALA B 93 -20.49 3.58 -13.59
CA ALA B 93 -19.60 4.72 -13.30
C ALA B 93 -18.20 4.50 -13.84
N ILE B 94 -17.80 3.24 -13.89
CA ILE B 94 -16.51 2.85 -14.43
C ILE B 94 -16.91 1.88 -15.53
N PRO B 95 -16.54 2.19 -16.79
CA PRO B 95 -16.91 1.30 -17.88
C PRO B 95 -16.01 0.07 -18.01
N GLN B 96 -16.27 -0.72 -19.05
CA GLN B 96 -15.49 -1.91 -19.35
C GLN B 96 -15.49 -2.05 -20.87
N CYS B 97 -14.59 -1.30 -21.51
CA CYS B 97 -14.47 -1.31 -22.95
C CYS B 97 -14.05 -2.70 -23.43
N GLY B 98 -13.38 -3.45 -22.55
CA GLY B 98 -12.92 -4.78 -22.88
C GLY B 98 -11.74 -4.82 -23.85
N LYS B 99 -11.25 -3.66 -24.26
CA LYS B 99 -10.15 -3.60 -25.22
C LYS B 99 -8.90 -2.87 -24.73
N CYS B 100 -8.90 -2.44 -23.47
CA CYS B 100 -7.76 -1.71 -22.91
C CYS B 100 -6.90 -2.65 -22.09
N ARG B 101 -5.67 -2.23 -21.80
CA ARG B 101 -4.73 -3.03 -21.02
C ARG B 101 -5.37 -3.54 -19.73
N ILE B 102 -6.05 -2.65 -19.04
CA ILE B 102 -6.70 -2.97 -17.78
C ILE B 102 -7.88 -3.90 -17.92
N CYS B 103 -8.71 -3.68 -18.92
CA CYS B 103 -9.88 -4.53 -19.12
C CYS B 103 -9.47 -5.97 -19.42
N LYS B 104 -8.32 -6.13 -20.07
CA LYS B 104 -7.80 -7.44 -20.41
C LYS B 104 -7.06 -8.03 -19.23
N ASN B 105 -6.86 -7.24 -18.19
CA ASN B 105 -6.18 -7.70 -16.98
C ASN B 105 -7.28 -8.22 -16.07
N PRO B 106 -7.32 -9.55 -15.86
CA PRO B 106 -8.34 -10.17 -15.01
C PRO B 106 -8.41 -9.69 -13.56
N GLU B 107 -7.36 -9.03 -13.09
CA GLU B 107 -7.33 -8.58 -11.69
C GLU B 107 -7.40 -7.06 -11.47
N SER B 108 -7.99 -6.35 -12.42
CA SER B 108 -8.12 -4.90 -12.30
C SER B 108 -9.41 -4.48 -12.98
N ASN B 109 -9.95 -3.31 -12.63
CA ASN B 109 -11.21 -2.88 -13.22
C ASN B 109 -11.25 -1.44 -13.70
N TYR B 110 -10.21 -0.67 -13.36
CA TYR B 110 -10.16 0.72 -13.74
C TYR B 110 -9.91 0.95 -15.25
N CYS B 111 -10.95 0.71 -16.04
CA CYS B 111 -10.90 0.87 -17.49
C CYS B 111 -10.42 2.25 -17.92
N LEU B 112 -9.70 2.29 -19.03
CA LEU B 112 -9.15 3.54 -19.54
C LEU B 112 -10.16 4.53 -20.08
N LYS B 113 -11.36 4.06 -20.39
CA LYS B 113 -12.38 4.94 -20.91
C LYS B 113 -13.09 5.71 -19.80
N ASN B 114 -12.66 5.48 -18.56
CA ASN B 114 -13.21 6.15 -17.39
C ASN B 114 -13.06 7.66 -17.51
N ASP B 115 -14.02 8.40 -16.99
CA ASP B 115 -13.97 9.86 -17.04
C ASP B 115 -13.62 10.40 -15.65
N VAL B 116 -12.93 9.56 -14.87
CA VAL B 116 -12.51 9.90 -13.51
C VAL B 116 -11.11 10.54 -13.50
N SER B 117 -10.17 9.92 -14.21
CA SER B 117 -8.79 10.42 -14.28
C SER B 117 -8.69 11.85 -14.78
N ASN B 118 -9.36 12.15 -15.88
CA ASN B 118 -9.33 13.48 -16.46
C ASN B 118 -10.74 13.82 -16.86
N PRO B 119 -11.60 14.14 -15.87
CA PRO B 119 -13.02 14.47 -16.12
C PRO B 119 -13.24 15.46 -17.24
N GLN B 120 -13.94 14.99 -18.28
CA GLN B 120 -14.25 15.79 -19.45
C GLN B 120 -15.72 16.21 -19.40
N GLY B 121 -16.54 15.37 -18.77
CA GLY B 121 -17.96 15.66 -18.67
C GLY B 121 -18.63 15.48 -20.01
N THR B 122 -18.23 14.43 -20.71
CA THR B 122 -18.77 14.11 -22.03
C THR B 122 -18.88 12.59 -22.16
N LEU B 123 -19.39 12.15 -23.30
CA LEU B 123 -19.48 10.73 -23.59
C LEU B 123 -18.12 10.39 -24.21
N GLN B 124 -17.84 9.11 -24.38
CA GLN B 124 -16.55 8.70 -24.92
C GLN B 124 -16.12 9.29 -26.26
N ASP B 125 -17.06 9.75 -27.07
CA ASP B 125 -16.70 10.36 -28.35
C ASP B 125 -16.31 11.83 -28.21
N GLY B 126 -16.29 12.32 -26.96
CA GLY B 126 -15.92 13.71 -26.71
C GLY B 126 -17.00 14.76 -26.87
N THR B 127 -18.27 14.35 -26.93
CA THR B 127 -19.39 15.28 -27.09
C THR B 127 -20.51 15.04 -26.05
N SER B 128 -21.46 15.97 -26.03
CA SER B 128 -22.59 15.89 -25.10
C SER B 128 -23.95 15.74 -25.78
N ARG B 129 -24.84 15.01 -25.11
CA ARG B 129 -26.18 14.73 -25.56
C ARG B 129 -27.24 15.60 -24.84
N PHE B 130 -26.80 16.40 -23.88
CA PHE B 130 -27.72 17.25 -23.13
C PHE B 130 -27.71 18.75 -23.51
N THR B 131 -28.91 19.32 -23.47
CA THR B 131 -29.05 20.77 -23.75
C THR B 131 -30.18 21.25 -22.82
N CYS B 132 -30.00 22.43 -22.23
CA CYS B 132 -30.99 23.01 -21.32
C CYS B 132 -30.80 24.52 -21.34
N ARG B 133 -31.82 25.21 -21.86
CA ARG B 133 -31.86 26.66 -22.01
C ARG B 133 -30.91 27.05 -23.15
N ARG B 134 -30.94 26.24 -24.23
CA ARG B 134 -30.10 26.48 -25.41
C ARG B 134 -28.58 26.47 -25.07
N LYS B 135 -28.23 25.67 -24.07
CA LYS B 135 -26.83 25.55 -23.68
C LYS B 135 -26.50 24.09 -23.39
N PRO B 136 -25.37 23.61 -23.92
CA PRO B 136 -24.95 22.22 -23.72
C PRO B 136 -24.58 21.99 -22.25
N ILE B 137 -25.16 20.94 -21.68
CA ILE B 137 -24.90 20.56 -20.29
C ILE B 137 -23.93 19.39 -20.31
N HIS B 138 -23.04 19.33 -19.33
CA HIS B 138 -22.06 18.26 -19.25
C HIS B 138 -22.60 16.96 -18.68
N HIS B 139 -21.89 15.87 -18.94
CA HIS B 139 -22.23 14.54 -18.43
C HIS B 139 -21.38 14.31 -17.19
N PHE B 140 -21.76 13.32 -16.38
CA PHE B 140 -21.02 12.99 -15.17
C PHE B 140 -20.74 11.48 -15.16
N LEU B 141 -19.48 11.13 -14.99
CA LEU B 141 -19.05 9.73 -14.99
C LEU B 141 -19.58 9.03 -16.23
N GLY B 142 -19.76 9.80 -17.29
CA GLY B 142 -20.27 9.28 -18.54
C GLY B 142 -21.71 8.80 -18.51
N ILE B 143 -22.29 8.67 -17.32
CA ILE B 143 -23.67 8.18 -17.20
C ILE B 143 -24.80 9.14 -16.82
N SER B 144 -24.47 10.25 -16.13
CA SER B 144 -25.46 11.26 -15.72
C SER B 144 -26.86 10.69 -15.45
N THR B 145 -27.07 10.08 -14.28
CA THR B 145 -28.36 9.50 -13.98
C THR B 145 -29.37 10.34 -13.20
N PHE B 146 -29.08 11.63 -13.01
CA PHE B 146 -30.02 12.51 -12.33
C PHE B 146 -30.93 13.11 -13.40
N SER B 147 -31.39 12.24 -14.30
CA SER B 147 -32.28 12.63 -15.39
C SER B 147 -33.23 11.48 -15.71
N GLN B 148 -34.41 11.83 -16.20
CA GLN B 148 -35.42 10.84 -16.57
C GLN B 148 -34.94 10.01 -17.78
N TYR B 149 -34.12 10.63 -18.62
CA TYR B 149 -33.56 10.01 -19.83
C TYR B 149 -32.07 10.34 -19.99
N THR B 150 -31.24 9.32 -20.14
CA THR B 150 -29.81 9.56 -20.32
C THR B 150 -29.14 8.67 -21.36
N VAL B 151 -28.26 9.28 -22.15
CA VAL B 151 -27.52 8.57 -23.19
C VAL B 151 -26.11 8.23 -22.69
N VAL B 152 -25.80 6.94 -22.63
CA VAL B 152 -24.50 6.47 -22.16
C VAL B 152 -23.80 5.71 -23.30
N ASP B 153 -22.57 5.28 -23.05
CA ASP B 153 -21.83 4.50 -24.05
C ASP B 153 -22.21 3.05 -23.77
N GLU B 154 -22.11 2.20 -24.80
CA GLU B 154 -22.47 0.79 -24.66
C GLU B 154 -21.65 0.03 -23.61
N ASN B 155 -20.37 0.37 -23.49
CA ASN B 155 -19.51 -0.30 -22.51
C ASN B 155 -19.70 0.18 -21.07
N ALA B 156 -20.58 1.16 -20.89
CA ALA B 156 -20.86 1.72 -19.57
C ALA B 156 -22.32 1.46 -19.18
N VAL B 157 -22.76 0.23 -19.43
CA VAL B 157 -24.12 -0.21 -19.09
C VAL B 157 -24.20 -1.73 -19.14
N ALA B 158 -24.72 -2.34 -18.08
CA ALA B 158 -24.84 -3.79 -18.03
C ALA B 158 -26.30 -4.19 -18.09
N LYS B 159 -26.59 -5.25 -18.84
CA LYS B 159 -27.96 -5.76 -18.95
C LYS B 159 -28.14 -6.64 -17.74
N ILE B 160 -29.23 -6.42 -17.02
CA ILE B 160 -29.50 -7.18 -15.84
C ILE B 160 -30.82 -7.93 -15.94
N ASP B 161 -31.05 -8.78 -14.94
CA ASP B 161 -32.25 -9.60 -14.81
C ASP B 161 -33.51 -8.75 -15.03
N ALA B 162 -34.37 -9.22 -15.93
CA ALA B 162 -35.62 -8.51 -16.25
C ALA B 162 -36.57 -8.52 -15.04
N ALA B 163 -36.34 -9.42 -14.10
CA ALA B 163 -37.16 -9.53 -12.90
C ALA B 163 -36.57 -8.72 -11.74
N SER B 164 -35.51 -7.95 -12.01
CA SER B 164 -34.83 -7.17 -10.99
C SER B 164 -35.58 -5.96 -10.39
N PRO B 165 -35.73 -5.94 -9.06
CA PRO B 165 -36.42 -4.82 -8.40
C PRO B 165 -35.51 -3.57 -8.51
N LEU B 166 -35.71 -2.78 -9.56
CA LEU B 166 -34.88 -1.61 -9.80
C LEU B 166 -34.72 -0.63 -8.66
N GLU B 167 -35.70 -0.58 -7.75
CA GLU B 167 -35.60 0.34 -6.63
C GLU B 167 -34.59 -0.09 -5.57
N LYS B 168 -34.14 -1.34 -5.64
CA LYS B 168 -33.15 -1.84 -4.68
C LYS B 168 -31.81 -2.11 -5.34
N VAL B 169 -31.86 -2.77 -6.50
CA VAL B 169 -30.65 -3.12 -7.23
C VAL B 169 -29.82 -1.93 -7.75
N CYS B 170 -30.40 -0.73 -7.70
CA CYS B 170 -29.68 0.46 -8.16
C CYS B 170 -28.41 0.62 -7.32
N LEU B 171 -28.48 0.24 -6.04
CA LEU B 171 -27.36 0.32 -5.11
C LEU B 171 -26.14 -0.50 -5.51
N ILE B 172 -26.36 -1.54 -6.31
CA ILE B 172 -25.27 -2.37 -6.77
C ILE B 172 -24.49 -1.63 -7.88
N GLY B 173 -25.04 -0.52 -8.33
CA GLY B 173 -24.39 0.28 -9.34
C GLY B 173 -23.15 1.01 -8.81
N CYS B 174 -23.12 1.25 -7.50
CA CYS B 174 -22.00 1.92 -6.85
C CYS B 174 -21.83 1.50 -5.41
N GLY B 175 -22.66 2.09 -4.55
CA GLY B 175 -22.63 1.86 -3.11
C GLY B 175 -22.30 0.50 -2.55
N PHE B 176 -23.23 -0.45 -2.71
CA PHE B 176 -23.02 -1.79 -2.17
C PHE B 176 -21.78 -2.49 -2.70
N SER B 177 -21.63 -2.46 -4.02
CA SER B 177 -20.52 -3.10 -4.71
C SER B 177 -19.19 -2.55 -4.21
N THR B 178 -19.09 -1.23 -4.11
CA THR B 178 -17.88 -0.61 -3.63
C THR B 178 -17.52 -1.11 -2.23
N GLY B 179 -18.42 -0.90 -1.27
CA GLY B 179 -18.16 -1.32 0.09
C GLY B 179 -17.88 -2.79 0.28
N TYR B 180 -18.73 -3.62 -0.30
CA TYR B 180 -18.61 -5.08 -0.18
C TYR B 180 -17.35 -5.60 -0.87
N GLY B 181 -17.08 -5.06 -2.06
CA GLY B 181 -15.91 -5.48 -2.81
C GLY B 181 -14.62 -5.13 -2.11
N SER B 182 -14.58 -3.95 -1.52
CA SER B 182 -13.41 -3.46 -0.81
C SER B 182 -12.93 -4.47 0.23
N ALA B 183 -13.88 -5.13 0.86
CA ALA B 183 -13.55 -6.13 1.87
C ALA B 183 -13.23 -7.51 1.27
N VAL B 184 -14.03 -7.94 0.29
CA VAL B 184 -13.82 -9.24 -0.36
C VAL B 184 -12.68 -9.26 -1.36
N ASN B 185 -12.80 -8.43 -2.40
CA ASN B 185 -11.80 -8.37 -3.47
C ASN B 185 -10.49 -7.69 -3.07
N VAL B 186 -10.59 -6.41 -2.78
CA VAL B 186 -9.43 -5.59 -2.45
C VAL B 186 -8.64 -6.01 -1.21
N ALA B 187 -9.23 -5.82 -0.04
CA ALA B 187 -8.54 -6.18 1.20
C ALA B 187 -8.35 -7.67 1.38
N LYS B 188 -9.36 -8.44 0.97
CA LYS B 188 -9.34 -9.88 1.11
C LYS B 188 -9.29 -10.24 2.58
N VAL B 189 -10.26 -9.70 3.32
CA VAL B 189 -10.40 -9.98 4.76
C VAL B 189 -10.40 -11.49 4.92
N THR B 190 -9.54 -11.99 5.79
CA THR B 190 -9.46 -13.42 6.02
C THR B 190 -10.25 -13.81 7.26
N PRO B 191 -10.74 -15.06 7.32
CA PRO B 191 -11.50 -15.55 8.46
C PRO B 191 -10.75 -15.37 9.80
N GLY B 192 -11.46 -14.93 10.83
CA GLY B 192 -10.87 -14.75 12.14
C GLY B 192 -10.06 -13.48 12.36
N SER B 193 -10.01 -12.60 11.36
CA SER B 193 -9.25 -11.37 11.48
C SER B 193 -10.05 -10.26 12.16
N THR B 194 -9.38 -9.16 12.47
CA THR B 194 -9.97 -7.97 13.09
C THR B 194 -10.00 -6.83 12.08
N CYS B 195 -11.18 -6.25 11.86
CA CYS B 195 -11.36 -5.15 10.93
C CYS B 195 -11.83 -3.86 11.60
N ALA B 196 -11.59 -2.73 10.92
CA ALA B 196 -12.03 -1.43 11.40
C ALA B 196 -12.53 -0.66 10.18
N VAL B 197 -13.76 -0.18 10.25
CA VAL B 197 -14.35 0.57 9.15
C VAL B 197 -14.71 1.97 9.63
N PHE B 198 -14.14 2.97 8.98
CA PHE B 198 -14.39 4.38 9.32
C PHE B 198 -15.45 4.90 8.36
N GLY B 199 -16.59 5.34 8.90
CA GLY B 199 -17.66 5.86 8.07
C GLY B 199 -18.79 4.86 7.95
N LEU B 200 -19.97 5.24 8.43
CA LEU B 200 -21.14 4.37 8.42
C LEU B 200 -22.26 4.84 7.49
N GLY B 201 -21.89 5.25 6.30
CA GLY B 201 -22.86 5.66 5.32
C GLY B 201 -23.15 4.41 4.53
N GLY B 202 -23.85 4.57 3.41
CA GLY B 202 -24.19 3.42 2.57
C GLY B 202 -23.00 2.55 2.22
N VAL B 203 -21.92 3.17 1.73
CA VAL B 203 -20.73 2.42 1.32
C VAL B 203 -19.99 1.76 2.48
N GLY B 204 -19.83 2.49 3.59
CA GLY B 204 -19.15 1.94 4.74
C GLY B 204 -19.87 0.74 5.30
N LEU B 205 -21.19 0.87 5.45
CA LEU B 205 -21.99 -0.22 5.99
C LEU B 205 -21.88 -1.48 5.13
N SER B 206 -21.90 -1.29 3.81
CA SER B 206 -21.76 -2.40 2.89
C SER B 206 -20.42 -3.07 3.19
N ALA B 207 -19.40 -2.24 3.46
CA ALA B 207 -18.07 -2.73 3.78
C ALA B 207 -18.08 -3.59 5.04
N ILE B 208 -18.88 -3.23 6.03
CA ILE B 208 -18.97 -4.05 7.24
C ILE B 208 -19.58 -5.39 6.84
N MET B 209 -20.61 -5.35 6.01
CA MET B 209 -21.25 -6.57 5.51
C MET B 209 -20.16 -7.45 4.90
N GLY B 210 -19.36 -6.88 4.00
CA GLY B 210 -18.30 -7.61 3.35
C GLY B 210 -17.34 -8.26 4.34
N CYS B 211 -17.02 -7.53 5.40
CA CYS B 211 -16.11 -8.03 6.43
C CYS B 211 -16.74 -9.21 7.14
N LYS B 212 -18.05 -9.12 7.35
CA LYS B 212 -18.78 -10.17 8.03
C LYS B 212 -18.81 -11.43 7.16
N ALA B 213 -19.17 -11.25 5.89
CA ALA B 213 -19.24 -12.37 4.95
C ALA B 213 -17.87 -13.04 4.85
N ALA B 214 -16.82 -12.21 4.86
CA ALA B 214 -15.45 -12.71 4.77
C ALA B 214 -15.02 -13.53 5.97
N GLY B 215 -15.81 -13.47 7.03
CA GLY B 215 -15.52 -14.23 8.24
C GLY B 215 -14.69 -13.55 9.32
N ALA B 216 -14.74 -12.23 9.38
CA ALA B 216 -13.98 -11.48 10.39
C ALA B 216 -14.51 -11.77 11.80
N ALA B 217 -13.60 -11.84 12.77
CA ALA B 217 -13.98 -12.09 14.16
C ALA B 217 -14.46 -10.80 14.83
N ARG B 218 -13.71 -9.72 14.65
CA ARG B 218 -14.08 -8.43 15.22
C ARG B 218 -14.22 -7.42 14.10
N ILE B 219 -15.31 -6.64 14.12
CA ILE B 219 -15.55 -5.61 13.11
C ILE B 219 -15.93 -4.33 13.86
N ILE B 220 -14.94 -3.47 14.07
CA ILE B 220 -15.13 -2.23 14.80
C ILE B 220 -15.57 -1.11 13.86
N ALA B 221 -16.75 -0.57 14.10
CA ALA B 221 -17.28 0.53 13.29
C ALA B 221 -16.92 1.86 13.97
N VAL B 222 -16.52 2.84 13.18
CA VAL B 222 -16.11 4.15 13.70
C VAL B 222 -16.88 5.25 13.01
N ASP B 223 -17.52 6.12 13.78
CA ASP B 223 -18.29 7.23 13.19
C ASP B 223 -18.60 8.28 14.26
N ILE B 224 -18.70 9.54 13.84
CA ILE B 224 -19.00 10.65 14.74
C ILE B 224 -20.51 10.78 14.96
N ASN B 225 -21.28 10.13 14.10
CA ASN B 225 -22.73 10.11 14.17
C ASN B 225 -23.13 8.78 14.84
N LYS B 226 -23.38 8.81 16.13
CA LYS B 226 -23.75 7.61 16.87
C LYS B 226 -25.10 7.01 16.46
N ASP B 227 -25.92 7.77 15.75
CA ASP B 227 -27.21 7.28 15.28
C ASP B 227 -27.08 6.18 14.22
N LYS B 228 -25.85 5.98 13.74
CA LYS B 228 -25.55 4.97 12.72
C LYS B 228 -25.11 3.65 13.37
N PHE B 229 -24.85 3.67 14.67
CA PHE B 229 -24.40 2.47 15.36
C PHE B 229 -25.39 1.31 15.34
N ALA B 230 -26.69 1.61 15.37
CA ALA B 230 -27.69 0.55 15.36
C ALA B 230 -27.58 -0.27 14.08
N LYS B 231 -27.62 0.40 12.93
CA LYS B 231 -27.50 -0.27 11.63
C LYS B 231 -26.17 -1.01 11.55
N ALA B 232 -25.11 -0.39 12.05
CA ALA B 232 -23.78 -1.00 12.03
C ALA B 232 -23.81 -2.37 12.69
N LYS B 233 -24.30 -2.39 13.93
CA LYS B 233 -24.39 -3.62 14.70
C LYS B 233 -25.23 -4.66 13.97
N GLU B 234 -26.36 -4.20 13.43
CA GLU B 234 -27.28 -5.06 12.68
C GLU B 234 -26.48 -5.76 11.56
N LEU B 235 -25.79 -4.97 10.75
CA LEU B 235 -25.02 -5.49 9.63
C LEU B 235 -23.71 -6.25 9.93
N GLY B 236 -23.37 -6.48 11.20
CA GLY B 236 -22.17 -7.25 11.48
C GLY B 236 -21.13 -6.67 12.42
N ALA B 237 -21.23 -5.38 12.72
CA ALA B 237 -20.27 -4.73 13.62
C ALA B 237 -20.34 -5.31 15.04
N THR B 238 -19.18 -5.67 15.60
CA THR B 238 -19.12 -6.22 16.95
C THR B 238 -19.10 -5.11 18.01
N GLU B 239 -18.66 -3.93 17.60
CA GLU B 239 -18.61 -2.78 18.51
C GLU B 239 -18.45 -1.51 17.70
N CYS B 240 -19.16 -0.47 18.12
CA CYS B 240 -19.10 0.83 17.46
C CYS B 240 -18.52 1.84 18.45
N ILE B 241 -17.58 2.66 18.00
CA ILE B 241 -16.96 3.68 18.85
C ILE B 241 -17.00 5.04 18.16
N ASN B 242 -17.00 6.10 18.94
CA ASN B 242 -17.07 7.47 18.45
C ASN B 242 -15.81 8.22 18.86
N PRO B 243 -15.08 8.78 17.88
CA PRO B 243 -13.83 9.53 18.06
C PRO B 243 -13.97 10.66 19.08
N GLN B 244 -15.15 11.27 19.11
CA GLN B 244 -15.45 12.39 20.01
C GLN B 244 -15.57 12.06 21.48
N ASP B 245 -15.77 10.79 21.83
CA ASP B 245 -15.90 10.41 23.22
C ASP B 245 -14.53 10.20 23.89
N TYR B 246 -13.48 10.28 23.09
CA TYR B 246 -12.13 10.02 23.58
C TYR B 246 -11.20 11.23 23.64
N LYS B 247 -10.26 11.18 24.58
CA LYS B 247 -9.27 12.23 24.72
C LYS B 247 -8.12 11.98 23.75
N LYS B 248 -7.66 10.74 23.66
CA LYS B 248 -6.57 10.40 22.75
C LYS B 248 -7.03 10.20 21.30
N PRO B 249 -6.10 10.23 20.34
CA PRO B 249 -6.44 10.05 18.92
C PRO B 249 -7.06 8.67 18.71
N ILE B 250 -8.05 8.62 17.83
CA ILE B 250 -8.76 7.38 17.53
C ILE B 250 -7.87 6.17 17.22
N GLN B 251 -6.80 6.37 16.46
CA GLN B 251 -5.90 5.28 16.11
C GLN B 251 -5.23 4.69 17.35
N GLU B 252 -4.94 5.55 18.33
CA GLU B 252 -4.30 5.09 19.55
C GLU B 252 -5.32 4.32 20.38
N VAL B 253 -6.59 4.65 20.17
CA VAL B 253 -7.69 3.97 20.86
C VAL B 253 -7.85 2.56 20.26
N LEU B 254 -7.89 2.49 18.93
CA LEU B 254 -8.04 1.21 18.23
C LEU B 254 -6.88 0.26 18.47
N LYS B 255 -5.67 0.80 18.53
CA LYS B 255 -4.49 -0.02 18.79
C LYS B 255 -4.54 -0.62 20.18
N GLU B 256 -5.04 0.17 21.15
CA GLU B 256 -5.14 -0.28 22.52
C GLU B 256 -6.11 -1.45 22.68
N MET B 257 -7.27 -1.36 22.03
CA MET B 257 -8.27 -2.42 22.11
C MET B 257 -7.98 -3.64 21.23
N THR B 258 -6.93 -3.59 20.40
CA THR B 258 -6.61 -4.70 19.52
C THR B 258 -5.17 -5.23 19.55
N ASP B 259 -4.48 -5.05 20.68
CA ASP B 259 -3.11 -5.54 20.84
C ASP B 259 -2.10 -4.99 19.84
N GLY B 260 -2.23 -3.71 19.51
CA GLY B 260 -1.28 -3.12 18.58
C GLY B 260 -1.87 -2.75 17.23
N GLY B 261 -3.14 -3.08 17.01
CA GLY B 261 -3.78 -2.73 15.75
C GLY B 261 -4.52 -3.85 15.05
N VAL B 262 -5.46 -3.46 14.20
CA VAL B 262 -6.29 -4.38 13.44
C VAL B 262 -5.53 -5.00 12.25
N ASP B 263 -6.10 -6.04 11.65
CA ASP B 263 -5.48 -6.69 10.52
C ASP B 263 -5.85 -5.95 9.25
N PHE B 264 -7.06 -5.40 9.20
CA PHE B 264 -7.56 -4.67 8.04
C PHE B 264 -8.34 -3.44 8.47
N SER B 265 -8.06 -2.30 7.85
CA SER B 265 -8.78 -1.08 8.15
C SER B 265 -9.29 -0.50 6.84
N PHE B 266 -10.43 0.17 6.90
CA PHE B 266 -11.02 0.78 5.73
C PHE B 266 -11.41 2.19 6.07
N GLU B 267 -11.22 3.11 5.14
CA GLU B 267 -11.66 4.48 5.36
C GLU B 267 -12.74 4.62 4.31
N VAL B 268 -13.97 4.89 4.75
CA VAL B 268 -15.08 5.03 3.82
C VAL B 268 -15.78 6.35 4.11
N ILE B 269 -14.99 7.42 4.23
CA ILE B 269 -15.50 8.76 4.52
C ILE B 269 -15.06 9.74 3.43
N GLY B 270 -13.75 9.92 3.28
CA GLY B 270 -13.21 10.83 2.30
C GLY B 270 -12.52 12.04 2.93
N ARG B 271 -11.69 11.78 3.94
CA ARG B 271 -10.97 12.84 4.65
C ARG B 271 -9.54 12.38 4.87
N LEU B 272 -8.60 13.32 4.81
CA LEU B 272 -7.20 12.98 5.00
C LEU B 272 -6.92 12.51 6.42
N ASP B 273 -7.45 13.21 7.41
CA ASP B 273 -7.22 12.83 8.81
C ASP B 273 -7.66 11.40 9.10
N THR B 274 -8.84 11.03 8.60
CA THR B 274 -9.34 9.68 8.81
C THR B 274 -8.61 8.64 7.96
N MET B 275 -7.94 9.08 6.89
CA MET B 275 -7.18 8.18 6.04
C MET B 275 -5.88 7.87 6.76
N MET B 276 -5.35 8.86 7.44
CA MET B 276 -4.13 8.68 8.22
C MET B 276 -4.48 7.82 9.44
N ALA B 277 -5.61 8.11 10.07
CA ALA B 277 -6.07 7.36 11.24
C ALA B 277 -6.27 5.88 10.89
N SER B 278 -6.95 5.64 9.78
CA SER B 278 -7.20 4.28 9.32
C SER B 278 -5.90 3.51 9.13
N LEU B 279 -4.95 4.12 8.40
CA LEU B 279 -3.64 3.49 8.15
C LEU B 279 -2.91 3.22 9.46
N LEU B 280 -2.89 4.22 10.33
CA LEU B 280 -2.23 4.13 11.63
C LEU B 280 -2.81 3.08 12.58
N CYS B 281 -4.10 2.78 12.45
CA CYS B 281 -4.74 1.80 13.34
C CYS B 281 -4.49 0.34 13.00
N CYS B 282 -4.01 0.06 11.78
CA CYS B 282 -3.71 -1.32 11.43
C CYS B 282 -2.33 -1.62 12.00
N HIS B 283 -2.08 -2.87 12.36
CA HIS B 283 -0.81 -3.20 12.94
C HIS B 283 0.34 -2.85 12.02
N GLU B 284 1.34 -2.17 12.57
CA GLU B 284 2.52 -1.74 11.82
C GLU B 284 3.30 -2.85 11.13
N ALA B 285 3.14 -4.09 11.60
CA ALA B 285 3.87 -5.20 11.02
C ALA B 285 3.08 -6.16 10.13
N CYS B 286 1.76 -6.06 10.12
CA CYS B 286 0.97 -6.98 9.30
C CYS B 286 -0.33 -6.41 8.78
N GLY B 287 -0.59 -5.15 9.14
CA GLY B 287 -1.82 -4.51 8.75
C GLY B 287 -1.96 -4.15 7.29
N THR B 288 -3.21 -4.11 6.87
CA THR B 288 -3.58 -3.75 5.51
C THR B 288 -4.67 -2.70 5.66
N SER B 289 -4.48 -1.56 5.04
CA SER B 289 -5.45 -0.49 5.10
C SER B 289 -5.90 -0.24 3.68
N VAL B 290 -7.20 -0.06 3.50
CA VAL B 290 -7.78 0.17 2.18
C VAL B 290 -8.50 1.51 2.17
N ILE B 291 -8.18 2.35 1.20
CA ILE B 291 -8.80 3.65 1.07
C ILE B 291 -9.99 3.47 0.16
N VAL B 292 -11.18 3.78 0.66
CA VAL B 292 -12.39 3.68 -0.14
C VAL B 292 -12.99 5.06 -0.36
N GLY B 293 -12.95 5.90 0.67
CA GLY B 293 -13.50 7.23 0.56
C GLY B 293 -12.71 8.09 -0.41
N VAL B 294 -13.38 9.03 -1.06
CA VAL B 294 -12.72 9.91 -2.01
C VAL B 294 -12.47 11.26 -1.32
N PRO B 295 -11.19 11.62 -1.19
CA PRO B 295 -10.75 12.87 -0.56
C PRO B 295 -10.94 14.12 -1.41
N PRO B 296 -10.98 15.29 -0.76
CA PRO B 296 -11.15 16.56 -1.48
C PRO B 296 -10.02 16.80 -2.47
N ASP B 297 -10.40 17.24 -3.65
CA ASP B 297 -9.46 17.51 -4.75
C ASP B 297 -8.25 18.34 -4.34
N SER B 298 -7.07 17.93 -4.80
CA SER B 298 -5.80 18.63 -4.55
C SER B 298 -5.25 18.67 -3.12
N GLN B 299 -6.01 18.17 -2.14
CA GLN B 299 -5.50 18.15 -0.79
C GLN B 299 -4.57 16.94 -0.74
N ASN B 300 -3.36 17.13 -0.23
CA ASN B 300 -2.42 16.01 -0.15
C ASN B 300 -2.18 15.60 1.30
N LEU B 301 -1.83 14.33 1.47
CA LEU B 301 -1.54 13.73 2.76
C LEU B 301 -0.05 13.90 3.05
N SER B 302 0.31 13.95 4.31
CA SER B 302 1.70 14.10 4.72
C SER B 302 2.01 12.82 5.50
N MET B 303 2.75 11.91 4.91
CA MET B 303 3.04 10.68 5.63
C MET B 303 4.50 10.24 5.70
N ASN B 304 4.81 9.56 6.79
CA ASN B 304 6.15 9.06 7.03
C ASN B 304 6.27 7.67 6.42
N PRO B 305 7.16 7.50 5.43
CA PRO B 305 7.36 6.20 4.78
C PRO B 305 7.61 5.03 5.75
N MET B 306 8.08 5.32 6.95
CA MET B 306 8.34 4.29 7.97
C MET B 306 7.06 3.54 8.34
N LEU B 307 5.91 4.17 8.13
CA LEU B 307 4.63 3.54 8.42
C LEU B 307 4.46 2.27 7.56
N LEU B 308 5.03 2.30 6.35
CA LEU B 308 4.96 1.16 5.43
C LEU B 308 6.18 0.25 5.56
N LEU B 309 7.36 0.82 5.85
CA LEU B 309 8.59 0.03 5.98
C LEU B 309 8.49 -1.10 6.98
N THR B 310 7.78 -0.87 8.06
CA THR B 310 7.60 -1.86 9.12
C THR B 310 6.89 -3.12 8.64
N GLY B 311 5.99 -2.97 7.68
CA GLY B 311 5.29 -4.13 7.16
C GLY B 311 3.84 -3.96 6.77
N ARG B 312 3.39 -2.72 6.60
CA ARG B 312 2.02 -2.47 6.21
C ARG B 312 1.80 -2.42 4.70
N THR B 313 0.55 -2.63 4.31
CA THR B 313 0.15 -2.60 2.90
C THR B 313 -0.95 -1.55 2.88
N TRP B 314 -0.82 -0.58 2.00
CA TRP B 314 -1.79 0.50 1.86
C TRP B 314 -2.26 0.39 0.42
N LYS B 315 -3.57 0.32 0.21
CA LYS B 315 -4.12 0.21 -1.14
C LYS B 315 -5.48 0.88 -1.26
N GLY B 316 -5.93 1.03 -2.50
CA GLY B 316 -7.22 1.64 -2.78
C GLY B 316 -7.84 0.92 -3.96
N ALA B 317 -9.07 1.31 -4.30
CA ALA B 317 -9.78 0.69 -5.40
C ALA B 317 -11.07 1.44 -5.64
N ILE B 318 -11.58 1.34 -6.87
CA ILE B 318 -12.83 1.97 -7.22
C ILE B 318 -13.82 0.85 -7.56
N LEU B 319 -15.08 1.05 -7.20
CA LEU B 319 -16.12 0.05 -7.46
C LEU B 319 -15.81 -1.29 -6.79
N GLY B 320 -14.98 -1.24 -5.75
CA GLY B 320 -14.62 -2.45 -5.03
C GLY B 320 -13.82 -3.44 -5.85
N GLY B 321 -13.15 -2.94 -6.90
CA GLY B 321 -12.34 -3.79 -7.76
C GLY B 321 -13.10 -4.71 -8.72
N PHE B 322 -14.42 -4.56 -8.78
CA PHE B 322 -15.24 -5.39 -9.67
C PHE B 322 -15.19 -4.85 -11.08
N LYS B 323 -15.01 -5.73 -12.05
CA LYS B 323 -15.03 -5.29 -13.45
C LYS B 323 -16.52 -5.01 -13.70
N SER B 324 -16.86 -3.73 -13.83
CA SER B 324 -18.24 -3.26 -14.01
C SER B 324 -19.27 -4.09 -14.80
N LYS B 325 -19.30 -3.89 -16.12
CA LYS B 325 -20.26 -4.56 -17.01
C LYS B 325 -20.35 -6.07 -16.86
N GLU B 326 -19.31 -6.65 -16.29
CA GLU B 326 -19.22 -8.07 -16.11
C GLU B 326 -19.75 -8.56 -14.78
N CYS B 327 -19.33 -7.91 -13.69
CA CYS B 327 -19.73 -8.31 -12.34
C CYS B 327 -21.07 -7.77 -11.86
N VAL B 328 -21.47 -6.58 -12.34
CA VAL B 328 -22.75 -5.99 -11.93
C VAL B 328 -23.92 -6.96 -12.10
N PRO B 329 -24.11 -7.53 -13.32
CA PRO B 329 -25.22 -8.47 -13.53
C PRO B 329 -25.08 -9.71 -12.64
N LYS B 330 -23.85 -10.08 -12.32
CA LYS B 330 -23.56 -11.24 -11.48
C LYS B 330 -23.98 -10.96 -10.05
N LEU B 331 -23.78 -9.71 -9.61
CA LEU B 331 -24.14 -9.30 -8.27
C LEU B 331 -25.66 -9.26 -8.16
N VAL B 332 -26.30 -8.78 -9.23
CA VAL B 332 -27.76 -8.71 -9.30
C VAL B 332 -28.29 -10.15 -9.18
N ALA B 333 -27.66 -11.07 -9.91
CA ALA B 333 -28.04 -12.48 -9.88
C ALA B 333 -27.93 -13.02 -8.46
N ASP B 334 -26.90 -12.57 -7.75
CA ASP B 334 -26.68 -13.00 -6.37
C ASP B 334 -27.77 -12.45 -5.44
N PHE B 335 -28.16 -11.21 -5.68
CA PHE B 335 -29.19 -10.56 -4.89
C PHE B 335 -30.50 -11.36 -5.02
N MET B 336 -30.90 -11.59 -6.27
CA MET B 336 -32.13 -12.34 -6.56
C MET B 336 -32.07 -13.75 -5.96
N ALA B 337 -30.87 -14.23 -5.67
CA ALA B 337 -30.69 -15.56 -5.09
C ALA B 337 -30.60 -15.53 -3.57
N LYS B 338 -30.93 -14.38 -2.97
CA LYS B 338 -30.89 -14.20 -1.52
C LYS B 338 -29.51 -14.33 -0.89
N LYS B 339 -28.47 -13.97 -1.64
CA LYS B 339 -27.11 -14.02 -1.12
C LYS B 339 -26.89 -12.92 -0.09
N PHE B 340 -27.47 -11.75 -0.35
CA PHE B 340 -27.33 -10.60 0.54
C PHE B 340 -28.59 -9.72 0.52
N SER B 341 -28.75 -8.88 1.55
CA SER B 341 -29.90 -7.99 1.63
C SER B 341 -29.50 -6.51 1.49
N LEU B 342 -30.28 -5.74 0.75
CA LEU B 342 -29.99 -4.32 0.54
C LEU B 342 -30.94 -3.39 1.30
N ASP B 343 -32.00 -3.96 1.87
CA ASP B 343 -33.01 -3.20 2.62
C ASP B 343 -32.50 -2.26 3.71
N ALA B 344 -31.54 -2.74 4.50
CA ALA B 344 -30.99 -1.93 5.58
C ALA B 344 -30.37 -0.63 5.04
N LEU B 345 -29.66 -0.72 3.92
CA LEU B 345 -29.02 0.46 3.33
C LEU B 345 -30.02 1.56 2.96
N ILE B 346 -31.20 1.13 2.50
CA ILE B 346 -32.25 2.07 2.10
C ILE B 346 -33.08 2.50 3.30
N THR B 347 -33.04 3.79 3.60
CA THR B 347 -33.77 4.35 4.74
C THR B 347 -34.84 5.32 4.30
N HIS B 348 -34.63 5.95 3.15
CA HIS B 348 -35.57 6.93 2.65
C HIS B 348 -35.81 6.75 1.16
N VAL B 349 -37.02 7.10 0.72
CA VAL B 349 -37.40 7.02 -0.69
C VAL B 349 -38.11 8.35 -0.96
N LEU B 350 -37.88 8.94 -2.13
CA LEU B 350 -38.49 10.21 -2.48
C LEU B 350 -38.63 10.36 -3.99
N PRO B 351 -39.64 11.12 -4.45
CA PRO B 351 -39.76 11.27 -5.90
C PRO B 351 -38.57 12.09 -6.39
N PHE B 352 -38.06 11.76 -7.56
CA PHE B 352 -36.92 12.45 -8.14
C PHE B 352 -36.97 13.97 -7.97
N GLU B 353 -38.14 14.58 -8.15
CA GLU B 353 -38.25 16.03 -8.02
C GLU B 353 -37.88 16.59 -6.65
N LYS B 354 -37.91 15.75 -5.63
CA LYS B 354 -37.53 16.16 -4.28
C LYS B 354 -36.06 15.76 -4.02
N ILE B 355 -35.24 15.88 -5.06
CA ILE B 355 -33.83 15.54 -4.99
C ILE B 355 -33.05 16.30 -3.93
N ASN B 356 -33.33 17.59 -3.79
CA ASN B 356 -32.64 18.41 -2.81
C ASN B 356 -32.91 17.96 -1.37
N GLU B 357 -34.09 17.39 -1.12
CA GLU B 357 -34.43 16.89 0.21
C GLU B 357 -33.55 15.68 0.55
N GLY B 358 -33.24 14.89 -0.48
CA GLY B 358 -32.43 13.69 -0.30
C GLY B 358 -31.04 14.06 0.15
N PHE B 359 -30.53 15.15 -0.41
CA PHE B 359 -29.22 15.64 -0.05
C PHE B 359 -29.26 16.28 1.34
N ASP B 360 -30.40 16.85 1.70
CA ASP B 360 -30.57 17.43 3.03
C ASP B 360 -30.49 16.28 4.01
N LEU B 361 -31.23 15.22 3.73
CA LEU B 361 -31.25 14.04 4.59
C LEU B 361 -29.83 13.50 4.82
N LEU B 362 -29.03 13.52 3.76
CA LEU B 362 -27.65 13.05 3.83
C LEU B 362 -26.82 13.95 4.73
N HIS B 363 -26.99 15.26 4.58
CA HIS B 363 -26.26 16.23 5.38
C HIS B 363 -26.64 16.19 6.86
N SER B 364 -27.88 15.78 7.14
CA SER B 364 -28.35 15.69 8.52
C SER B 364 -27.92 14.42 9.25
N GLY B 365 -27.52 13.41 8.48
CA GLY B 365 -27.07 12.15 9.08
C GLY B 365 -28.22 11.22 9.45
N LYS B 366 -29.43 11.58 9.06
CA LYS B 366 -30.61 10.77 9.37
C LYS B 366 -30.73 9.62 8.38
N SER B 367 -30.26 9.86 7.16
CA SER B 367 -30.33 8.85 6.11
C SER B 367 -29.03 8.15 5.84
N ILE B 368 -29.14 6.97 5.25
CA ILE B 368 -27.99 6.19 4.83
C ILE B 368 -28.17 6.35 3.31
N ARG B 369 -28.97 5.49 2.71
CA ARG B 369 -29.23 5.60 1.28
C ARG B 369 -30.67 6.02 1.03
N THR B 370 -30.84 7.05 0.23
CA THR B 370 -32.15 7.58 -0.15
C THR B 370 -32.31 7.27 -1.65
N ILE B 371 -33.45 6.71 -2.02
CA ILE B 371 -33.71 6.39 -3.40
C ILE B 371 -34.63 7.42 -4.01
N LEU B 372 -34.30 7.88 -5.20
CA LEU B 372 -35.13 8.84 -5.92
C LEU B 372 -35.84 8.07 -7.02
N MET B 373 -37.17 8.02 -6.95
CA MET B 373 -38.00 7.32 -7.93
C MET B 373 -38.48 8.30 -9.00
N PHE B 374 -38.28 7.95 -10.27
CA PHE B 374 -38.68 8.81 -11.38
C PHE B 374 -40.13 8.58 -11.83
ZN ZN C . 9.09 -11.24 18.80
ZN ZN D . 21.36 -2.82 6.50
PA NAD E . 23.92 2.18 -1.53
O1A NAD E . 24.50 3.52 -1.20
O2A NAD E . 25.00 1.16 -1.79
O5B NAD E . 23.22 2.47 -2.91
C5B NAD E . 22.35 3.59 -3.08
C4B NAD E . 22.23 3.45 -4.60
O4B NAD E . 21.22 4.34 -5.04
C3B NAD E . 23.59 3.74 -5.28
O3B NAD E . 23.73 2.91 -6.44
C2B NAD E . 23.29 5.18 -5.72
O2B NAD E . 24.01 5.45 -6.93
C1B NAD E . 21.79 5.11 -6.06
N9A NAD E . 21.22 6.43 -5.99
C8A NAD E . 21.43 7.45 -5.06
N7A NAD E . 20.68 8.58 -5.34
C5A NAD E . 20.00 8.21 -6.48
C6A NAD E . 19.03 8.92 -7.18
N6A NAD E . 18.73 10.21 -6.83
N1A NAD E . 18.41 8.28 -8.24
C2A NAD E . 18.76 6.99 -8.62
N3A NAD E . 19.74 6.28 -7.92
C4A NAD E . 20.33 6.95 -6.87
O3 NAD E . 22.88 1.70 -0.39
PN NAD E . 22.38 0.20 0.06
O1N NAD E . 23.23 -0.46 1.05
O2N NAD E . 22.13 -0.77 -1.04
O5D NAD E . 21.02 0.55 0.78
C5D NAD E . 19.95 1.08 -0.05
C4D NAD E . 18.83 1.62 0.83
O4D NAD E . 18.10 0.56 1.46
C3D NAD E . 19.41 2.49 1.97
O3D NAD E . 18.44 3.48 2.35
C2D NAD E . 19.55 1.48 3.11
O2D NAD E . 19.52 2.19 4.37
C1D NAD E . 18.22 0.74 2.87
N1N NAD E . 18.11 -0.60 3.49
C2N NAD E . 16.91 -1.01 3.89
C3N NAD E . 16.74 -2.19 4.53
C7N NAD E . 15.54 -2.61 4.95
O7N NAD E . 15.52 -3.57 5.75
N7N NAD E . 14.36 -2.14 4.53
C4N NAD E . 17.79 -2.98 4.76
C5N NAD E . 19.02 -2.62 4.36
C6N NAD E . 19.15 -1.38 3.72
N1 PYZ F . 14.76 0.80 8.12
N2 PYZ F . 15.29 1.61 9.08
C3 PYZ F . 16.19 0.95 9.82
C4 PYZ F . 16.14 -0.28 9.25
I4 PYZ F . 17.29 -1.85 9.93
C5 PYZ F . 15.29 -0.45 8.19
ZN ZN G . -11.28 -0.91 -20.79
ZN ZN H . -20.75 6.41 -5.93
PA NAD I . -21.95 9.03 3.33
O1A NAD I . -21.93 10.52 3.42
O2A NAD I . -23.40 8.71 3.50
O5B NAD I . -21.14 8.47 4.57
C5B NAD I . -20.19 9.35 5.24
C4B NAD I . -20.22 8.74 6.62
O4B NAD I . -19.01 9.09 7.22
C3B NAD I . -21.40 9.28 7.46
O3B NAD I . -21.90 8.23 8.31
C2B NAD I . -20.67 10.30 8.33
O2B NAD I . -21.35 10.43 9.59
C1B NAD I . -19.34 9.56 8.54
N9A NAD I . -18.35 10.53 9.00
C8A NAD I . -18.14 11.82 8.48
N7A NAD I . -17.03 12.48 9.03
C5A NAD I . -16.57 11.54 9.93
C6A NAD I . -15.45 11.62 10.73
N6A NAD I . -14.65 12.71 10.72
N1A NAD I . -15.08 10.54 11.52
C2A NAD I . -15.87 9.40 11.52
N3A NAD I . -17.02 9.31 10.70
C4A NAD I . -17.34 10.42 9.93
O3 NAD I . -21.36 8.62 1.98
PN NAD I . -20.90 7.24 1.39
O1N NAD I . -21.69 7.07 0.14
O2N NAD I . -20.98 6.02 2.24
O5D NAD I . -19.49 7.32 0.73
C5D NAD I . -18.31 7.34 1.57
C4D NAD I . -17.09 7.70 0.73
O4D NAD I . -16.85 6.69 -0.28
C3D NAD I . -17.30 9.02 -0.02
O3D NAD I . -16.06 9.71 -0.12
C2D NAD I . -17.74 8.61 -1.44
O2D NAD I . -17.32 9.63 -2.36
C1D NAD I . -16.79 7.39 -1.53
N1N NAD I . -17.10 6.39 -2.56
C2N NAD I . -16.06 5.79 -3.13
C3N NAD I . -16.28 4.88 -4.07
C7N NAD I . -15.26 4.26 -4.65
O7N NAD I . -15.41 3.85 -5.81
N7N NAD I . -14.11 3.97 -4.04
C4N NAD I . -17.51 4.56 -4.44
C5N NAD I . -18.57 5.14 -3.89
C6N NAD I . -18.33 6.08 -2.91
N1 PYZ J . -12.75 7.86 -7.06
N2 PYZ J . -12.88 9.12 -7.60
C3 PYZ J . -14.03 9.20 -8.29
C4 PYZ J . -14.53 7.95 -8.12
I4 PYZ J . -16.21 7.35 -9.00
C5 PYZ J . -13.79 7.07 -7.38
#